data_7EKL
#
_entry.id   7EKL
#
loop_
_entity.id
_entity.type
_entity.pdbx_description
1 polymer 'ATP-binding cassette sub-family B member 6'
2 non-polymer "ADENOSINE-5'-TRIPHOSPHATE"
3 non-polymer 'MAGNESIUM ION'
#
_entity_poly.entity_id   1
_entity_poly.type   'polypeptide(L)'
_entity_poly.pdbx_seq_one_letter_code
;MVTVGNYCEAEGPVGPAWMQDGLSPCFFFTLVPSTRMALGTLALVLALPCRRRERPAGADSLSWGAGPRISPYVLQLLLA
TLQAALPLAGLAGRVGTARGAPLPSYLLLASVLESLAGACGLWLLVVERSQARQRLAMGIWIKFRHSPGLLLLWTVAFAA
ENLALVSWNSPQWWWARADLGQQVQFSLWVLRYVVSGGLFVLGLWAPGLRPQSYTLQVHEEDQDVERSQVRSAAQQSTWR
DFGRKLRLLSGYLWPRGSPALQLVVLICLGLMGLERALNVLVPIFYRNIVNLLTEKAPWNSLAWTVTSYVFLKFLQGGGT
GSTGFVSNLRTFLWIRVQQFTSRRVELLIFSHLHELSLRWHLGRRTGEVLRIADRGTSSVTGLLSYLVFNVIPTLADIII
GIIYFSMFFNAWFGLIVFLCMSLYLTLTIVVTEWRTKFRRAMNTQENATRARAVDSLLNFETVKYYNAESYEVERYREAI
IKYQGLEWKSSASLVLLNQTQNLVIGLGLLAGSLLCAYFVTEQKLQVGDYVLFGTYIIQLYMPLNWFGTYYRMIQTNFID
MENMFDLLKEETEVKDLPGAGPLRFQKGRIEFENVHFSYADGRETLQDVSFTVMPGQTLALVGPSGAGKSTILRLLFRFY
DISSGCIRIDGQDISQVTQASLRSHIGVVPQDTVLFNDTIADNIRYGRVTAGNDEVEAAAQAAGIHDAIMAFPEGYRTQV
GERGLKLSGGEKQRVAIARTILKAPGIILLDQATSALDTSNERAIQASLAKVCANRTTIVVAHRLSTVVNADQILVIKDG
CIVERGRHEALLSRGGVYADMWQLQQGQEETSEDTKPQTMER
;
_entity_poly.pdbx_strand_id   A,B
#
loop_
_chem_comp.id
_chem_comp.type
_chem_comp.name
_chem_comp.formula
ATP non-polymer ADENOSINE-5'-TRIPHOSPHATE 'C10 H16 N5 O13 P3'
MG non-polymer 'MAGNESIUM ION' 'Mg 2'
#
# COMPACT_ATOMS: atom_id res chain seq x y z
N THR A 238 -24.03 -11.20 -15.21
CA THR A 238 -22.81 -10.46 -14.94
C THR A 238 -22.24 -9.85 -16.22
N TRP A 239 -22.87 -10.16 -17.36
CA TRP A 239 -22.45 -9.56 -18.61
C TRP A 239 -23.26 -8.31 -18.92
N ARG A 240 -24.46 -8.21 -18.35
CA ARG A 240 -25.25 -6.99 -18.50
C ARG A 240 -24.87 -5.97 -17.43
N ASP A 241 -24.15 -6.41 -16.40
CA ASP A 241 -23.64 -5.47 -15.40
C ASP A 241 -22.28 -4.94 -15.80
N PHE A 242 -21.62 -5.61 -16.75
CA PHE A 242 -20.37 -5.08 -17.31
C PHE A 242 -20.65 -3.89 -18.22
N GLY A 243 -21.86 -3.82 -18.76
CA GLY A 243 -22.21 -2.71 -19.63
C GLY A 243 -22.37 -1.40 -18.90
N ARG A 244 -22.62 -1.46 -17.58
CA ARG A 244 -22.66 -0.22 -16.81
C ARG A 244 -21.32 0.04 -16.14
N LYS A 245 -20.45 -0.97 -16.07
CA LYS A 245 -19.09 -0.74 -15.57
C LYS A 245 -18.28 0.11 -16.54
N LEU A 246 -18.62 0.06 -17.82
CA LEU A 246 -17.98 0.97 -18.77
C LEU A 246 -18.78 2.27 -18.91
N ARG A 247 -20.07 2.23 -18.56
CA ARG A 247 -20.87 3.44 -18.61
C ARG A 247 -20.58 4.35 -17.43
N LEU A 248 -20.35 3.76 -16.25
CA LEU A 248 -20.07 4.58 -15.07
C LEU A 248 -18.61 5.01 -15.05
N LEU A 249 -17.74 4.26 -15.73
CA LEU A 249 -16.35 4.70 -15.88
C LEU A 249 -16.26 5.86 -16.87
N SER A 250 -17.20 5.96 -17.80
CA SER A 250 -17.15 7.03 -18.79
C SER A 250 -17.71 8.34 -18.23
N GLY A 251 -18.18 8.33 -16.97
CA GLY A 251 -18.57 9.58 -16.34
C GLY A 251 -17.38 10.34 -15.78
N TYR A 252 -16.22 9.68 -15.72
CA TYR A 252 -15.02 10.37 -15.27
C TYR A 252 -14.20 10.89 -16.45
N LEU A 253 -14.78 10.86 -17.64
CA LEU A 253 -14.05 11.34 -18.82
C LEU A 253 -14.24 12.84 -19.01
N TRP A 254 -15.44 13.33 -18.81
CA TRP A 254 -15.77 14.71 -19.10
C TRP A 254 -15.48 15.59 -17.88
N PRO A 255 -14.65 16.61 -18.00
CA PRO A 255 -14.45 17.54 -16.88
C PRO A 255 -15.67 18.40 -16.66
N ARG A 256 -16.11 18.47 -15.41
CA ARG A 256 -17.35 19.15 -15.03
C ARG A 256 -17.01 20.44 -14.29
N GLY A 257 -17.71 21.51 -14.64
CA GLY A 257 -17.59 22.77 -13.92
C GLY A 257 -16.56 23.73 -14.46
N SER A 258 -15.51 23.24 -15.12
CA SER A 258 -14.44 24.10 -15.62
C SER A 258 -14.47 24.11 -17.14
N PRO A 259 -14.97 25.18 -17.77
CA PRO A 259 -14.99 25.21 -19.24
C PRO A 259 -13.62 25.40 -19.88
N ALA A 260 -12.59 25.72 -19.08
CA ALA A 260 -11.25 25.84 -19.63
C ALA A 260 -10.68 24.47 -19.97
N LEU A 261 -11.18 23.42 -19.33
CA LEU A 261 -10.75 22.07 -19.66
C LEU A 261 -11.75 21.39 -20.59
N GLN A 262 -12.91 22.01 -20.81
CA GLN A 262 -13.93 21.38 -21.65
C GLN A 262 -13.67 21.64 -23.12
N LEU A 263 -12.76 22.56 -23.45
CA LEU A 263 -12.43 22.79 -24.84
C LEU A 263 -11.04 22.26 -25.16
N VAL A 264 -10.40 21.63 -24.19
CA VAL A 264 -9.22 20.82 -24.49
C VAL A 264 -9.66 19.44 -24.98
N VAL A 265 -10.76 18.93 -24.42
CA VAL A 265 -11.30 17.65 -24.84
C VAL A 265 -11.88 17.74 -26.24
N LEU A 266 -12.43 18.90 -26.60
CA LEU A 266 -13.05 19.05 -27.91
C LEU A 266 -12.01 19.15 -29.02
N ILE A 267 -10.77 19.49 -28.70
CA ILE A 267 -9.75 19.54 -29.74
C ILE A 267 -8.68 18.48 -29.50
N CYS A 268 -8.84 17.67 -28.45
CA CYS A 268 -8.18 16.37 -28.44
C CYS A 268 -9.03 15.34 -29.17
N LEU A 269 -10.31 15.65 -29.37
CA LEU A 269 -11.13 14.86 -30.28
C LEU A 269 -10.86 15.25 -31.73
N GLY A 270 -10.42 16.49 -31.95
CA GLY A 270 -10.08 16.92 -33.30
C GLY A 270 -8.77 16.34 -33.78
N LEU A 271 -7.79 16.22 -32.88
CA LEU A 271 -6.54 15.56 -33.25
C LEU A 271 -6.73 14.05 -33.36
N MET A 272 -7.71 13.51 -32.65
CA MET A 272 -8.02 12.09 -32.78
C MET A 272 -8.71 11.80 -34.12
N GLY A 273 -9.51 12.75 -34.60
CA GLY A 273 -10.15 12.58 -35.89
C GLY A 273 -9.21 12.92 -37.04
N LEU A 274 -8.14 13.66 -36.75
CA LEU A 274 -7.19 13.99 -37.80
C LEU A 274 -6.24 12.83 -38.05
N GLU A 275 -6.01 11.99 -37.04
CA GLU A 275 -5.13 10.85 -37.22
C GLU A 275 -5.85 9.73 -37.96
N ARG A 276 -7.19 9.74 -37.97
CA ARG A 276 -7.93 8.74 -38.72
C ARG A 276 -7.83 9.00 -40.21
N ALA A 277 -7.61 10.25 -40.61
CA ALA A 277 -7.47 10.56 -42.02
C ALA A 277 -6.05 10.28 -42.49
N LEU A 278 -5.09 10.24 -41.57
CA LEU A 278 -3.72 9.94 -41.95
C LEU A 278 -3.49 8.46 -42.14
N ASN A 279 -4.33 7.62 -41.52
CA ASN A 279 -4.22 6.18 -41.72
C ASN A 279 -4.68 5.78 -43.13
N VAL A 280 -5.43 6.66 -43.80
CA VAL A 280 -5.84 6.39 -45.17
C VAL A 280 -4.85 7.02 -46.15
N LEU A 281 -4.37 8.22 -45.84
CA LEU A 281 -3.59 8.98 -46.82
C LEU A 281 -2.14 8.51 -46.88
N VAL A 282 -1.69 7.72 -45.90
CA VAL A 282 -0.31 7.24 -45.94
C VAL A 282 -0.11 6.06 -46.89
N PRO A 283 -0.94 5.00 -46.92
CA PRO A 283 -0.72 3.98 -47.96
C PRO A 283 -1.13 4.43 -49.35
N ILE A 284 -1.99 5.44 -49.48
CA ILE A 284 -2.31 5.99 -50.80
C ILE A 284 -1.08 6.67 -51.39
N PHE A 285 -0.35 7.44 -50.59
CA PHE A 285 0.85 8.08 -51.10
C PHE A 285 2.03 7.10 -51.13
N TYR A 286 1.83 5.87 -50.67
CA TYR A 286 2.89 4.88 -50.81
C TYR A 286 2.76 4.10 -52.10
N ARG A 287 1.57 4.08 -52.71
CA ARG A 287 1.45 3.49 -54.03
C ARG A 287 1.68 4.52 -55.13
N ASN A 288 1.58 5.82 -54.80
CA ASN A 288 1.96 6.84 -55.78
C ASN A 288 3.46 6.87 -56.00
N ILE A 289 4.25 6.51 -54.98
CA ILE A 289 5.70 6.56 -55.13
C ILE A 289 6.22 5.23 -55.67
N VAL A 290 5.33 4.26 -55.88
CA VAL A 290 5.70 3.03 -56.57
C VAL A 290 5.28 3.12 -58.04
N ASN A 291 4.14 3.76 -58.30
CA ASN A 291 3.67 3.92 -59.68
C ASN A 291 4.58 4.85 -60.48
N LEU A 292 5.18 5.84 -59.82
CA LEU A 292 6.08 6.74 -60.54
C LEU A 292 7.44 6.10 -60.79
N LEU A 293 7.82 5.14 -59.95
CA LEU A 293 9.02 4.36 -60.24
C LEU A 293 8.76 3.34 -61.33
N THR A 294 7.52 2.87 -61.44
CA THR A 294 7.17 1.94 -62.51
C THR A 294 7.05 2.66 -63.84
N GLU A 295 6.40 3.82 -63.85
CA GLU A 295 6.25 4.64 -65.05
C GLU A 295 7.48 5.47 -65.37
N LYS A 296 8.51 5.41 -64.52
CA LYS A 296 9.79 6.12 -64.69
C LYS A 296 9.60 7.62 -64.79
N ALA A 297 9.13 8.23 -63.70
CA ALA A 297 8.89 9.66 -63.66
C ALA A 297 10.20 10.42 -63.59
N PRO A 298 10.22 11.69 -64.02
CA PRO A 298 11.42 12.51 -63.82
C PRO A 298 11.66 12.79 -62.34
N TRP A 299 12.93 13.04 -61.99
CA TRP A 299 13.32 13.18 -60.60
C TRP A 299 12.79 14.47 -59.99
N ASN A 300 12.55 15.49 -60.81
CA ASN A 300 12.03 16.75 -60.30
C ASN A 300 10.57 16.62 -59.87
N SER A 301 9.84 15.68 -60.48
CA SER A 301 8.44 15.49 -60.11
C SER A 301 8.26 14.32 -59.15
N LEU A 302 9.28 13.47 -59.02
CA LEU A 302 9.18 12.31 -58.14
C LEU A 302 9.63 12.63 -56.72
N ALA A 303 10.55 13.58 -56.55
CA ALA A 303 11.08 13.85 -55.22
C ALA A 303 10.09 14.64 -54.37
N TRP A 304 9.14 15.32 -55.01
CA TRP A 304 8.16 16.10 -54.27
C TRP A 304 7.00 15.26 -53.76
N THR A 305 6.94 13.98 -54.09
CA THR A 305 5.91 13.12 -53.52
C THR A 305 6.51 12.04 -52.62
N VAL A 306 7.84 11.87 -52.66
CA VAL A 306 8.49 11.02 -51.68
C VAL A 306 8.59 11.70 -50.32
N THR A 307 9.00 12.98 -50.30
CA THR A 307 9.01 13.75 -49.06
C THR A 307 7.60 14.04 -48.58
N SER A 308 6.61 13.98 -49.46
CA SER A 308 5.22 14.07 -49.04
C SER A 308 4.80 12.82 -48.29
N TYR A 309 5.40 11.68 -48.63
CA TYR A 309 5.11 10.44 -47.91
C TYR A 309 5.78 10.42 -46.54
N VAL A 310 7.02 10.92 -46.45
CA VAL A 310 7.74 10.90 -45.19
C VAL A 310 7.12 11.88 -44.20
N PHE A 311 6.59 12.99 -44.72
CA PHE A 311 5.97 13.99 -43.84
C PHE A 311 4.67 13.47 -43.24
N LEU A 312 3.93 12.64 -43.97
CA LEU A 312 2.71 12.08 -43.40
C LEU A 312 3.02 10.86 -42.54
N LYS A 313 4.18 10.25 -42.74
CA LYS A 313 4.61 9.19 -41.83
C LYS A 313 5.23 9.78 -40.58
N PHE A 314 5.76 11.01 -40.69
CA PHE A 314 6.21 11.75 -39.51
C PHE A 314 5.05 12.10 -38.60
N LEU A 315 3.87 12.34 -39.17
CA LEU A 315 2.71 12.69 -38.36
C LEU A 315 2.03 11.46 -37.78
N GLN A 316 2.17 10.30 -38.45
CA GLN A 316 1.48 9.11 -37.98
C GLN A 316 2.31 8.35 -36.96
N GLY A 317 3.59 8.09 -37.29
CA GLY A 317 4.49 7.43 -36.37
C GLY A 317 4.19 5.97 -36.09
N GLY A 318 3.55 5.29 -37.04
CA GLY A 318 3.29 3.87 -36.86
C GLY A 318 1.96 3.53 -36.25
N GLY A 319 0.87 4.06 -36.80
CA GLY A 319 -0.47 3.64 -36.42
C GLY A 319 -0.92 4.21 -35.10
N THR A 320 -2.17 3.88 -34.76
CA THR A 320 -2.74 4.33 -33.49
C THR A 320 -2.23 3.46 -32.35
N GLY A 321 -2.17 4.06 -31.16
CA GLY A 321 -1.55 3.39 -30.03
C GLY A 321 -0.07 3.66 -29.88
N SER A 322 0.58 4.15 -30.93
CA SER A 322 2.00 4.49 -30.89
C SER A 322 2.12 6.01 -30.94
N THR A 323 3.37 6.48 -31.01
CA THR A 323 3.61 7.89 -30.82
C THR A 323 4.11 8.57 -32.09
N GLY A 324 3.18 9.13 -32.85
CA GLY A 324 3.53 10.01 -33.94
C GLY A 324 3.61 11.43 -33.43
N PHE A 325 3.73 12.37 -34.37
CA PHE A 325 3.79 13.78 -33.96
C PHE A 325 2.42 14.28 -33.52
N VAL A 326 1.36 13.78 -34.15
CA VAL A 326 0.02 14.14 -33.71
C VAL A 326 -0.38 13.30 -32.50
N SER A 327 0.13 12.07 -32.42
CA SER A 327 -0.33 11.14 -31.40
C SER A 327 0.30 11.44 -30.04
N ASN A 328 1.33 12.30 -29.98
CA ASN A 328 1.80 12.75 -28.68
C ASN A 328 1.60 14.25 -28.50
N LEU A 329 1.09 14.92 -29.53
CA LEU A 329 0.61 16.28 -29.34
C LEU A 329 -0.65 16.28 -28.50
N ARG A 330 -1.53 15.30 -28.71
CA ARG A 330 -2.71 15.17 -27.86
C ARG A 330 -2.34 14.66 -26.48
N THR A 331 -1.22 13.92 -26.37
CA THR A 331 -0.79 13.44 -25.07
C THR A 331 -0.21 14.56 -24.23
N PHE A 332 0.34 15.58 -24.90
CA PHE A 332 0.80 16.78 -24.20
C PHE A 332 -0.36 17.58 -23.65
N LEU A 333 -1.52 17.48 -24.30
CA LEU A 333 -2.68 18.24 -23.84
C LEU A 333 -3.60 17.41 -22.97
N TRP A 334 -3.40 16.10 -22.93
CA TRP A 334 -4.30 15.24 -22.15
C TRP A 334 -3.84 15.14 -20.71
N ILE A 335 -2.58 15.48 -20.43
CA ILE A 335 -2.04 15.28 -19.09
C ILE A 335 -2.31 16.48 -18.20
N ARG A 336 -3.14 17.42 -18.68
CA ARG A 336 -3.78 18.37 -17.79
C ARG A 336 -5.21 17.94 -17.50
N VAL A 337 -5.78 17.13 -18.38
CA VAL A 337 -7.17 16.69 -18.20
C VAL A 337 -7.22 15.49 -17.26
N GLN A 338 -6.21 14.62 -17.30
CA GLN A 338 -6.21 13.48 -16.39
C GLN A 338 -5.61 13.84 -15.05
N GLN A 339 -5.14 15.09 -14.89
CA GLN A 339 -4.83 15.58 -13.55
C GLN A 339 -6.04 16.24 -12.92
N PHE A 340 -7.15 16.28 -13.65
CA PHE A 340 -8.41 16.72 -13.06
C PHE A 340 -9.26 15.53 -12.67
N THR A 341 -9.06 14.40 -13.34
CA THR A 341 -9.79 13.19 -12.98
C THR A 341 -9.08 12.44 -11.84
N SER A 342 -7.75 12.37 -11.88
CA SER A 342 -7.03 11.69 -10.81
C SER A 342 -6.95 12.54 -9.55
N ARG A 343 -7.35 13.81 -9.64
CA ARG A 343 -7.49 14.64 -8.46
C ARG A 343 -8.86 14.47 -7.83
N ARG A 344 -9.91 14.40 -8.66
CA ARG A 344 -11.27 14.34 -8.14
C ARG A 344 -11.61 12.94 -7.65
N VAL A 345 -11.01 11.91 -8.25
CA VAL A 345 -11.26 10.54 -7.80
C VAL A 345 -10.51 10.27 -6.50
N GLU A 346 -9.26 10.73 -6.39
CA GLU A 346 -8.48 10.47 -5.19
C GLU A 346 -8.99 11.26 -3.99
N LEU A 347 -9.60 12.42 -4.24
CA LEU A 347 -10.23 13.16 -3.16
C LEU A 347 -11.67 12.70 -2.94
N LEU A 348 -12.11 11.66 -3.66
CA LEU A 348 -13.43 11.10 -3.43
C LEU A 348 -13.33 9.80 -2.63
N ILE A 349 -12.26 9.02 -2.88
CA ILE A 349 -12.04 7.82 -2.09
C ILE A 349 -11.11 8.10 -0.92
N PHE A 350 -10.97 9.38 -0.56
CA PHE A 350 -10.33 9.72 0.71
C PHE A 350 -11.32 10.45 1.62
N SER A 351 -12.28 11.18 1.02
CA SER A 351 -13.29 11.83 1.83
C SER A 351 -14.49 10.92 2.03
N HIS A 352 -14.40 9.68 1.56
CA HIS A 352 -15.45 8.70 1.83
C HIS A 352 -15.03 7.74 2.92
N LEU A 353 -13.72 7.50 3.06
CA LEU A 353 -13.23 6.65 4.13
C LEU A 353 -13.41 7.29 5.50
N HIS A 354 -13.34 8.62 5.57
CA HIS A 354 -13.48 9.25 6.88
C HIS A 354 -14.94 9.47 7.24
N GLU A 355 -15.84 9.43 6.26
CA GLU A 355 -17.24 9.62 6.61
C GLU A 355 -17.93 8.29 6.89
N LEU A 356 -17.20 7.18 6.75
CA LEU A 356 -17.75 5.90 7.16
C LEU A 356 -17.72 5.78 8.68
N SER A 357 -18.64 4.98 9.21
CA SER A 357 -18.86 4.94 10.65
C SER A 357 -17.76 4.16 11.36
N LEU A 358 -17.91 4.06 12.68
CA LEU A 358 -16.85 3.51 13.51
C LEU A 358 -16.87 1.99 13.50
N ARG A 359 -18.00 1.39 13.10
CA ARG A 359 -18.07 -0.06 13.03
C ARG A 359 -17.28 -0.60 11.86
N TRP A 360 -17.16 0.18 10.79
CA TRP A 360 -16.44 -0.27 9.61
C TRP A 360 -14.94 -0.25 9.84
N HIS A 361 -14.44 0.75 10.56
CA HIS A 361 -13.00 0.90 10.74
C HIS A 361 -12.43 -0.09 11.73
N LEU A 362 -13.29 -0.73 12.53
CA LEU A 362 -12.79 -1.74 13.45
C LEU A 362 -12.70 -3.11 12.78
N GLY A 363 -13.49 -3.31 11.72
CA GLY A 363 -13.48 -4.56 11.00
C GLY A 363 -12.69 -4.57 9.72
N ARG A 364 -12.09 -3.43 9.35
CA ARG A 364 -11.30 -3.37 8.14
C ARG A 364 -9.93 -4.01 8.36
N ARG A 365 -9.18 -4.14 7.27
CA ARG A 365 -7.77 -4.47 7.34
C ARG A 365 -6.98 -3.38 6.65
N THR A 366 -5.89 -2.94 7.29
CA THR A 366 -5.13 -1.78 6.83
C THR A 366 -4.38 -2.09 5.54
N GLY A 367 -4.02 -3.36 5.32
CA GLY A 367 -3.37 -3.72 4.08
C GLY A 367 -4.31 -3.68 2.89
N GLU A 368 -5.57 -4.04 3.10
CA GLU A 368 -6.52 -4.03 2.00
C GLU A 368 -7.01 -2.62 1.70
N VAL A 369 -7.30 -1.84 2.74
CA VAL A 369 -7.90 -0.52 2.54
C VAL A 369 -6.90 0.47 1.96
N LEU A 370 -5.66 0.42 2.46
CA LEU A 370 -4.64 1.37 1.97
C LEU A 370 -4.14 1.00 0.58
N ARG A 371 -4.39 -0.23 0.12
CA ARG A 371 -3.98 -0.57 -1.23
C ARG A 371 -5.02 -0.10 -2.24
N ILE A 372 -6.31 -0.25 -1.93
CA ILE A 372 -7.36 0.13 -2.85
C ILE A 372 -7.44 1.66 -2.96
N ALA A 373 -7.12 2.36 -1.88
CA ALA A 373 -7.02 3.82 -1.95
C ALA A 373 -5.78 4.26 -2.71
N ASP A 374 -4.79 3.37 -2.84
CA ASP A 374 -3.59 3.69 -3.59
C ASP A 374 -3.77 3.36 -5.08
N ARG A 375 -4.22 2.14 -5.38
CA ARG A 375 -4.40 1.70 -6.74
C ARG A 375 -5.80 1.99 -7.30
N GLY A 376 -6.52 2.93 -6.69
CA GLY A 376 -7.86 3.22 -7.19
C GLY A 376 -7.89 4.38 -8.16
N THR A 377 -6.93 5.31 -8.02
CA THR A 377 -6.88 6.43 -8.94
C THR A 377 -6.03 6.12 -10.16
N SER A 378 -5.37 4.97 -10.16
CA SER A 378 -4.57 4.58 -11.32
C SER A 378 -5.27 3.52 -12.14
N SER A 379 -6.49 3.13 -11.75
CA SER A 379 -7.28 2.22 -12.57
C SER A 379 -8.27 2.99 -13.42
N VAL A 380 -8.82 4.08 -12.87
CA VAL A 380 -9.69 4.94 -13.66
C VAL A 380 -8.88 5.72 -14.68
N THR A 381 -7.73 6.25 -14.25
CA THR A 381 -6.83 6.95 -15.17
C THR A 381 -6.21 5.98 -16.17
N GLY A 382 -5.98 4.74 -15.75
CA GLY A 382 -5.39 3.76 -16.65
C GLY A 382 -6.34 3.30 -17.73
N LEU A 383 -7.61 3.06 -17.38
CA LEU A 383 -8.54 2.49 -18.35
C LEU A 383 -9.18 3.56 -19.21
N LEU A 384 -9.15 4.82 -18.77
CA LEU A 384 -9.62 5.89 -19.65
C LEU A 384 -8.53 6.33 -20.61
N SER A 385 -7.31 5.86 -20.39
CA SER A 385 -6.25 6.05 -21.39
C SER A 385 -6.17 4.86 -22.33
N TYR A 386 -7.08 3.90 -22.15
CA TYR A 386 -7.11 2.73 -23.04
C TYR A 386 -8.43 2.69 -23.81
N LEU A 387 -9.54 3.01 -23.14
CA LEU A 387 -10.84 2.98 -23.80
C LEU A 387 -10.99 4.15 -24.76
N VAL A 388 -10.27 5.24 -24.52
CA VAL A 388 -10.44 6.44 -25.32
C VAL A 388 -9.31 6.58 -26.34
N PHE A 389 -8.12 6.06 -26.04
CA PHE A 389 -6.98 6.21 -26.93
C PHE A 389 -6.62 4.94 -27.70
N ASN A 390 -7.11 3.77 -27.31
CA ASN A 390 -6.63 2.53 -27.90
C ASN A 390 -7.75 1.61 -28.36
N VAL A 391 -8.94 1.67 -27.76
CA VAL A 391 -10.00 0.75 -28.16
C VAL A 391 -10.92 1.41 -29.18
N ILE A 392 -11.45 2.58 -28.86
CA ILE A 392 -12.28 3.35 -29.79
C ILE A 392 -11.50 3.82 -31.03
N PRO A 393 -10.25 4.34 -30.95
CA PRO A 393 -9.56 4.64 -32.22
C PRO A 393 -9.19 3.41 -33.04
N THR A 394 -9.09 2.24 -32.42
CA THR A 394 -8.90 1.03 -33.20
C THR A 394 -10.19 0.63 -33.91
N LEU A 395 -11.32 0.69 -33.20
CA LEU A 395 -12.59 0.34 -33.82
C LEU A 395 -13.03 1.41 -34.83
N ALA A 396 -12.52 2.63 -34.70
CA ALA A 396 -12.83 3.65 -35.69
C ALA A 396 -11.94 3.51 -36.92
N ASP A 397 -10.81 2.83 -36.78
CA ASP A 397 -9.90 2.67 -37.90
C ASP A 397 -10.30 1.45 -38.73
N ILE A 398 -11.07 0.54 -38.14
CA ILE A 398 -11.50 -0.65 -38.86
C ILE A 398 -12.76 -0.37 -39.67
N ILE A 399 -13.67 0.44 -39.11
CA ILE A 399 -14.89 0.82 -39.82
C ILE A 399 -14.55 1.68 -41.05
N ILE A 400 -13.57 2.59 -40.90
CA ILE A 400 -13.07 3.33 -42.06
C ILE A 400 -12.38 2.40 -43.04
N GLY A 401 -11.79 1.32 -42.54
CA GLY A 401 -11.23 0.32 -43.43
C GLY A 401 -12.28 -0.61 -44.02
N ILE A 402 -13.55 -0.40 -43.68
CA ILE A 402 -14.62 -1.16 -44.32
C ILE A 402 -15.31 -0.31 -45.39
N ILE A 403 -15.53 0.99 -45.11
CA ILE A 403 -16.02 1.89 -46.14
C ILE A 403 -14.99 2.07 -47.24
N TYR A 404 -13.74 2.35 -46.88
CA TYR A 404 -12.64 2.15 -47.82
C TYR A 404 -12.47 0.65 -48.02
N PHE A 405 -11.98 0.27 -49.21
CA PHE A 405 -11.98 -1.05 -49.85
C PHE A 405 -13.36 -1.45 -50.36
N SER A 406 -14.39 -0.65 -50.11
CA SER A 406 -15.72 -1.00 -50.62
C SER A 406 -16.09 -0.13 -51.81
N MET A 407 -16.09 1.18 -51.63
CA MET A 407 -16.42 2.10 -52.72
C MET A 407 -15.27 2.31 -53.67
N PHE A 408 -14.06 1.90 -53.30
CA PHE A 408 -12.87 2.27 -54.06
C PHE A 408 -12.09 1.08 -54.63
N PHE A 409 -12.33 -0.15 -54.17
CA PHE A 409 -11.83 -1.31 -54.91
C PHE A 409 -12.95 -2.13 -55.54
N ASN A 410 -13.80 -2.70 -54.69
CA ASN A 410 -14.80 -3.70 -55.08
C ASN A 410 -15.66 -4.02 -53.88
N ALA A 411 -16.55 -5.00 -54.03
CA ALA A 411 -17.36 -5.42 -52.90
C ALA A 411 -16.67 -6.53 -52.10
N TRP A 412 -15.48 -6.96 -52.54
CA TRP A 412 -14.89 -8.16 -51.96
C TRP A 412 -14.06 -7.84 -50.71
N PHE A 413 -13.17 -6.86 -50.79
CA PHE A 413 -12.23 -6.64 -49.70
C PHE A 413 -12.85 -5.81 -48.59
N GLY A 414 -14.06 -5.30 -48.81
CA GLY A 414 -14.85 -4.80 -47.70
C GLY A 414 -15.54 -5.91 -46.94
N LEU A 415 -15.58 -7.11 -47.54
CA LEU A 415 -16.18 -8.26 -46.87
C LEU A 415 -15.14 -9.09 -46.14
N ILE A 416 -13.91 -9.14 -46.68
CA ILE A 416 -12.86 -9.95 -46.06
C ILE A 416 -12.39 -9.32 -44.76
N VAL A 417 -12.28 -8.00 -44.73
CA VAL A 417 -11.85 -7.32 -43.51
C VAL A 417 -13.01 -7.23 -42.52
N PHE A 418 -14.24 -7.45 -42.99
CA PHE A 418 -15.38 -7.48 -42.09
C PHE A 418 -15.62 -8.88 -41.54
N LEU A 419 -15.35 -9.91 -42.35
CA LEU A 419 -15.55 -11.27 -41.87
C LEU A 419 -14.42 -11.70 -40.95
N CYS A 420 -13.22 -11.14 -41.14
CA CYS A 420 -12.11 -11.46 -40.26
C CYS A 420 -12.25 -10.75 -38.92
N MET A 421 -12.91 -9.59 -38.91
CA MET A 421 -13.01 -8.83 -37.67
C MET A 421 -14.27 -9.22 -36.90
N SER A 422 -15.29 -9.71 -37.59
CA SER A 422 -16.45 -10.28 -36.90
C SER A 422 -16.10 -11.62 -36.28
N LEU A 423 -15.20 -12.38 -36.92
CA LEU A 423 -14.71 -13.61 -36.32
C LEU A 423 -13.74 -13.30 -35.19
N TYR A 424 -13.13 -12.11 -35.22
CA TYR A 424 -12.22 -11.70 -34.15
C TYR A 424 -12.99 -11.38 -32.87
N LEU A 425 -14.16 -10.76 -33.00
CA LEU A 425 -14.89 -10.33 -31.81
C LEU A 425 -15.65 -11.48 -31.16
N THR A 426 -16.05 -12.48 -31.94
CA THR A 426 -16.73 -13.62 -31.35
C THR A 426 -15.75 -14.55 -30.65
N LEU A 427 -14.51 -14.63 -31.13
CA LEU A 427 -13.52 -15.50 -30.49
C LEU A 427 -12.67 -14.74 -29.49
N THR A 428 -13.09 -13.52 -29.12
CA THR A 428 -12.51 -12.89 -27.94
C THR A 428 -13.56 -12.73 -26.85
N ILE A 429 -14.81 -13.10 -27.17
CA ILE A 429 -15.84 -13.16 -26.14
C ILE A 429 -16.05 -14.59 -25.67
N VAL A 430 -15.94 -15.55 -26.59
CA VAL A 430 -16.17 -16.96 -26.24
C VAL A 430 -14.96 -17.53 -25.50
N VAL A 431 -13.83 -16.81 -25.53
CA VAL A 431 -12.69 -17.22 -24.71
C VAL A 431 -12.72 -16.49 -23.37
N THR A 432 -13.19 -15.24 -23.37
CA THR A 432 -13.25 -14.47 -22.14
C THR A 432 -14.33 -15.02 -21.20
N GLU A 433 -15.41 -15.55 -21.76
CA GLU A 433 -16.42 -16.21 -20.91
C GLU A 433 -15.91 -17.56 -20.42
N TRP A 434 -14.91 -18.12 -21.10
CA TRP A 434 -14.25 -19.31 -20.56
C TRP A 434 -13.12 -18.93 -19.61
N ARG A 435 -12.49 -17.78 -19.84
CA ARG A 435 -11.38 -17.35 -19.01
C ARG A 435 -11.85 -16.93 -17.61
N THR A 436 -13.13 -16.54 -17.47
CA THR A 436 -13.59 -15.92 -16.24
C THR A 436 -13.70 -16.91 -15.08
N LYS A 437 -13.48 -18.19 -15.35
CA LYS A 437 -13.30 -19.17 -14.28
C LYS A 437 -12.07 -18.85 -13.44
N PHE A 438 -11.01 -18.36 -14.07
CA PHE A 438 -9.71 -18.28 -13.38
C PHE A 438 -9.41 -16.87 -12.92
N ARG A 439 -10.17 -15.87 -13.38
CA ARG A 439 -9.85 -14.50 -13.00
C ARG A 439 -10.62 -14.06 -11.75
N ARG A 440 -11.79 -14.65 -11.52
CA ARG A 440 -12.57 -14.26 -10.34
C ARG A 440 -12.20 -15.12 -9.14
N ALA A 441 -11.54 -16.25 -9.38
CA ALA A 441 -11.01 -17.05 -8.27
C ALA A 441 -9.61 -16.59 -7.90
N MET A 442 -9.14 -15.49 -8.48
CA MET A 442 -7.82 -14.98 -8.13
C MET A 442 -7.93 -13.77 -7.21
N ASN A 443 -8.95 -12.94 -7.41
CA ASN A 443 -9.13 -11.76 -6.58
C ASN A 443 -9.50 -12.14 -5.15
N THR A 444 -10.27 -13.22 -4.98
CA THR A 444 -10.68 -13.65 -3.65
C THR A 444 -9.51 -14.28 -2.89
N GLN A 445 -8.44 -14.65 -3.61
CA GLN A 445 -7.33 -15.32 -2.96
C GLN A 445 -6.09 -14.43 -2.92
N GLU A 446 -6.07 -13.38 -3.74
CA GLU A 446 -4.96 -12.44 -3.72
C GLU A 446 -5.01 -11.57 -2.48
N ASN A 447 -6.21 -11.26 -1.99
CA ASN A 447 -6.33 -10.48 -0.77
C ASN A 447 -6.09 -11.35 0.47
N ALA A 448 -6.13 -12.67 0.31
CA ALA A 448 -5.97 -13.55 1.47
C ALA A 448 -4.57 -14.13 1.54
N THR A 449 -3.70 -13.77 0.61
CA THR A 449 -2.31 -14.23 0.68
C THR A 449 -1.39 -13.13 1.18
N ARG A 450 -1.91 -11.91 1.32
CA ARG A 450 -1.11 -10.81 1.85
C ARG A 450 -1.66 -10.35 3.20
N ALA A 451 -2.86 -10.80 3.55
CA ALA A 451 -3.52 -10.31 4.75
C ALA A 451 -2.85 -10.81 6.03
N ARG A 452 -2.02 -11.84 5.93
CA ARG A 452 -1.26 -12.29 7.08
C ARG A 452 0.09 -11.58 7.16
N ALA A 453 0.70 -11.31 6.01
CA ALA A 453 2.04 -10.71 5.99
C ALA A 453 1.99 -9.25 6.40
N VAL A 454 0.96 -8.53 5.97
CA VAL A 454 0.79 -7.14 6.38
C VAL A 454 0.43 -7.06 7.86
N ASP A 455 -0.41 -7.97 8.33
CA ASP A 455 -0.81 -7.95 9.73
C ASP A 455 0.27 -8.56 10.62
N SER A 456 1.30 -9.15 10.01
CA SER A 456 2.50 -9.48 10.77
C SER A 456 3.52 -8.35 10.69
N LEU A 457 3.11 -7.19 10.18
CA LEU A 457 4.04 -6.10 9.97
C LEU A 457 3.51 -4.80 10.57
N LEU A 458 2.19 -4.75 10.81
CA LEU A 458 1.63 -3.60 11.52
C LEU A 458 1.98 -3.64 13.00
N ASN A 459 2.06 -4.83 13.58
CA ASN A 459 2.59 -4.99 14.93
C ASN A 459 3.89 -5.79 14.89
N PHE A 460 4.96 -5.05 14.66
CA PHE A 460 6.30 -5.57 14.52
C PHE A 460 6.84 -6.13 15.83
N GLU A 461 6.36 -5.61 16.96
CA GLU A 461 7.01 -5.91 18.22
C GLU A 461 6.59 -7.27 18.77
N THR A 462 5.33 -7.61 18.58
CA THR A 462 4.81 -8.88 19.07
C THR A 462 5.61 -9.98 18.40
N VAL A 463 5.89 -9.79 17.12
CA VAL A 463 6.67 -10.76 16.39
C VAL A 463 8.03 -10.82 17.03
N LYS A 464 8.57 -9.66 17.40
CA LYS A 464 9.88 -9.59 18.04
C LYS A 464 9.96 -10.20 19.44
N TYR A 465 8.95 -9.97 20.28
CA TYR A 465 9.00 -10.46 21.66
C TYR A 465 9.11 -11.97 21.75
N TYR A 466 8.27 -12.66 20.99
CA TYR A 466 8.30 -14.12 20.96
C TYR A 466 9.38 -14.60 19.99
N ASN A 467 9.82 -15.84 20.13
CA ASN A 467 10.78 -16.33 19.16
C ASN A 467 9.95 -16.37 17.89
N ALA A 468 10.45 -15.73 16.84
CA ALA A 468 9.76 -15.62 15.56
C ALA A 468 10.71 -15.13 14.50
N GLU A 469 10.12 -14.57 13.44
CA GLU A 469 10.73 -13.98 12.23
C GLU A 469 11.16 -15.11 11.30
N SER A 470 10.83 -16.32 11.73
CA SER A 470 11.06 -17.52 10.93
C SER A 470 9.72 -18.22 10.75
N TYR A 471 8.86 -18.11 11.75
CA TYR A 471 7.50 -18.65 11.62
C TYR A 471 6.65 -17.78 10.72
N GLU A 472 6.90 -16.47 10.68
CA GLU A 472 6.07 -15.59 9.89
C GLU A 472 6.53 -15.53 8.44
N VAL A 473 7.70 -16.11 8.14
CA VAL A 473 8.18 -16.12 6.77
C VAL A 473 7.89 -17.48 6.12
N GLU A 474 7.69 -18.51 6.94
CA GLU A 474 7.30 -19.81 6.38
C GLU A 474 5.81 -19.83 6.05
N ARG A 475 5.01 -19.08 6.79
CA ARG A 475 3.58 -19.00 6.46
C ARG A 475 3.34 -18.08 5.27
N TYR A 476 4.34 -17.29 4.90
CA TYR A 476 4.18 -16.44 3.73
C TYR A 476 4.80 -17.08 2.50
N ARG A 477 5.73 -18.00 2.69
CA ARG A 477 6.18 -18.84 1.57
C ARG A 477 5.09 -19.83 1.19
N GLU A 478 4.43 -20.43 2.19
CA GLU A 478 3.42 -21.44 1.90
C GLU A 478 2.12 -20.82 1.41
N ALA A 479 1.99 -19.49 1.52
CA ALA A 479 0.79 -18.84 1.01
C ALA A 479 1.07 -18.13 -0.32
N ILE A 480 2.32 -18.19 -0.78
CA ILE A 480 2.65 -17.61 -2.08
C ILE A 480 2.89 -18.72 -3.10
N ILE A 481 3.03 -19.95 -2.62
CA ILE A 481 2.96 -21.11 -3.52
C ILE A 481 1.53 -21.30 -4.00
N LYS A 482 0.55 -21.12 -3.11
CA LYS A 482 -0.84 -21.34 -3.47
C LYS A 482 -1.38 -20.20 -4.33
N TYR A 483 -0.70 -19.06 -4.34
CA TYR A 483 -1.13 -17.97 -5.21
C TYR A 483 -0.43 -18.04 -6.57
N GLN A 484 0.86 -18.38 -6.58
CA GLN A 484 1.58 -18.47 -7.85
C GLN A 484 1.26 -19.77 -8.56
N GLY A 485 0.64 -20.72 -7.87
CA GLY A 485 0.10 -21.88 -8.55
C GLY A 485 -1.26 -21.60 -9.16
N LEU A 486 -1.86 -20.46 -8.83
CA LEU A 486 -3.18 -20.13 -9.34
C LEU A 486 -3.11 -19.02 -10.36
N GLU A 487 -2.13 -18.11 -10.23
CA GLU A 487 -1.97 -17.09 -11.26
C GLU A 487 -1.27 -17.65 -12.48
N TRP A 488 -0.60 -18.80 -12.34
CA TRP A 488 -0.09 -19.52 -13.50
C TRP A 488 -1.22 -19.95 -14.41
N LYS A 489 -2.38 -20.28 -13.82
CA LYS A 489 -3.52 -20.70 -14.62
C LYS A 489 -4.24 -19.48 -15.19
N SER A 490 -3.94 -18.28 -14.67
CA SER A 490 -4.58 -17.08 -15.18
C SER A 490 -3.64 -16.24 -16.03
N SER A 491 -2.36 -16.57 -16.04
CA SER A 491 -1.43 -15.89 -16.94
C SER A 491 -1.16 -16.73 -18.17
N ALA A 492 -1.28 -18.05 -18.05
CA ALA A 492 -1.16 -18.92 -19.21
C ALA A 492 -2.54 -19.22 -19.80
N SER A 493 -3.56 -18.47 -19.37
CA SER A 493 -4.83 -18.48 -20.09
C SER A 493 -4.94 -17.26 -20.98
N LEU A 494 -4.03 -16.29 -20.81
CA LEU A 494 -3.96 -15.17 -21.73
C LEU A 494 -3.24 -15.54 -23.00
N VAL A 495 -2.25 -16.43 -22.92
CA VAL A 495 -1.53 -16.87 -24.11
C VAL A 495 -2.45 -17.70 -25.01
N LEU A 496 -3.36 -18.45 -24.42
CA LEU A 496 -4.34 -19.18 -25.21
C LEU A 496 -5.35 -18.22 -25.84
N LEU A 497 -5.59 -17.08 -25.21
CA LEU A 497 -6.35 -16.02 -25.86
C LEU A 497 -5.51 -15.30 -26.91
N ASN A 498 -4.19 -15.23 -26.69
CA ASN A 498 -3.35 -14.42 -27.55
C ASN A 498 -2.83 -15.24 -28.72
N GLN A 499 -3.13 -16.54 -28.74
CA GLN A 499 -2.81 -17.36 -29.90
C GLN A 499 -4.05 -17.74 -30.67
N THR A 500 -5.24 -17.46 -30.12
CA THR A 500 -6.45 -17.65 -30.90
C THR A 500 -6.90 -16.33 -31.52
N GLN A 501 -6.22 -15.23 -31.19
CA GLN A 501 -6.45 -13.99 -31.90
C GLN A 501 -5.43 -13.80 -33.02
N ASN A 502 -4.25 -14.39 -32.87
CA ASN A 502 -3.25 -14.33 -33.93
C ASN A 502 -3.60 -15.31 -35.04
N LEU A 503 -4.40 -16.32 -34.72
CA LEU A 503 -4.80 -17.28 -35.75
C LEU A 503 -5.90 -16.71 -36.62
N VAL A 504 -6.75 -15.84 -36.06
CA VAL A 504 -7.80 -15.19 -36.84
C VAL A 504 -7.22 -14.15 -37.78
N ILE A 505 -6.32 -13.30 -37.28
CA ILE A 505 -5.59 -12.35 -38.11
C ILE A 505 -4.74 -13.03 -39.18
N GLY A 506 -4.14 -14.18 -38.87
CA GLY A 506 -3.36 -14.89 -39.87
C GLY A 506 -4.17 -15.54 -40.97
N LEU A 507 -5.48 -15.68 -40.77
CA LEU A 507 -6.33 -16.23 -41.83
C LEU A 507 -6.90 -15.14 -42.71
N GLY A 508 -7.27 -14.00 -42.13
CA GLY A 508 -7.80 -12.91 -42.93
C GLY A 508 -6.73 -12.25 -43.79
N LEU A 509 -5.48 -12.31 -43.33
CA LEU A 509 -4.37 -11.89 -44.17
C LEU A 509 -4.12 -12.90 -45.27
N LEU A 510 -4.37 -14.19 -45.00
CA LEU A 510 -4.18 -15.21 -46.02
C LEU A 510 -5.30 -15.17 -47.06
N ALA A 511 -6.54 -14.90 -46.62
CA ALA A 511 -7.65 -14.83 -47.56
C ALA A 511 -7.62 -13.51 -48.34
N GLY A 512 -6.91 -12.51 -47.82
CA GLY A 512 -6.84 -11.24 -48.52
C GLY A 512 -5.68 -11.17 -49.49
N SER A 513 -4.54 -11.79 -49.15
CA SER A 513 -3.37 -11.72 -50.00
C SER A 513 -3.51 -12.62 -51.21
N LEU A 514 -4.22 -13.75 -51.06
CA LEU A 514 -4.42 -14.64 -52.20
C LEU A 514 -5.45 -14.08 -53.17
N LEU A 515 -6.37 -13.24 -52.68
CA LEU A 515 -7.40 -12.70 -53.56
C LEU A 515 -6.88 -11.51 -54.36
N CYS A 516 -5.98 -10.72 -53.77
CA CYS A 516 -5.33 -9.65 -54.53
C CYS A 516 -4.34 -10.21 -55.53
N ALA A 517 -3.68 -11.32 -55.20
CA ALA A 517 -2.74 -11.93 -56.13
C ALA A 517 -3.47 -12.57 -57.30
N TYR A 518 -4.72 -12.97 -57.09
CA TYR A 518 -5.50 -13.55 -58.18
C TYR A 518 -6.05 -12.48 -59.09
N PHE A 519 -6.38 -11.31 -58.54
CA PHE A 519 -6.94 -10.23 -59.35
C PHE A 519 -5.87 -9.58 -60.23
N VAL A 520 -4.63 -9.54 -59.76
CA VAL A 520 -3.54 -9.05 -60.61
C VAL A 520 -3.22 -10.07 -61.69
N THR A 521 -3.30 -11.37 -61.37
CA THR A 521 -3.06 -12.43 -62.35
C THR A 521 -4.16 -12.44 -63.41
N GLU A 522 -5.39 -12.12 -63.01
CA GLU A 522 -6.49 -12.03 -63.98
C GLU A 522 -6.59 -10.62 -64.54
N GLN A 523 -5.62 -9.75 -64.20
CA GLN A 523 -5.48 -8.37 -64.66
C GLN A 523 -6.71 -7.51 -64.34
N LYS A 524 -7.38 -7.79 -63.23
CA LYS A 524 -8.44 -6.90 -62.78
C LYS A 524 -7.86 -5.65 -62.12
N LEU A 525 -6.71 -5.80 -61.46
CA LEU A 525 -6.06 -4.71 -60.75
C LEU A 525 -4.64 -4.55 -61.27
N GLN A 526 -3.90 -3.63 -60.65
CA GLN A 526 -2.52 -3.37 -61.02
C GLN A 526 -1.60 -3.86 -59.91
N VAL A 527 -0.32 -4.08 -60.25
CA VAL A 527 0.68 -4.48 -59.27
C VAL A 527 0.92 -3.37 -58.24
N GLY A 528 0.67 -2.11 -58.62
CA GLY A 528 0.72 -1.04 -57.64
C GLY A 528 -0.45 -1.06 -56.67
N ASP A 529 -1.56 -1.67 -57.07
CA ASP A 529 -2.69 -1.81 -56.15
C ASP A 529 -2.45 -2.90 -55.12
N TYR A 530 -1.57 -3.85 -55.41
CA TYR A 530 -1.21 -4.85 -54.42
C TYR A 530 -0.30 -4.26 -53.35
N VAL A 531 0.51 -3.25 -53.72
CA VAL A 531 1.37 -2.59 -52.75
C VAL A 531 0.53 -1.75 -51.79
N LEU A 532 -0.59 -1.20 -52.27
CA LEU A 532 -1.54 -0.52 -51.41
C LEU A 532 -2.21 -1.47 -50.43
N PHE A 533 -2.52 -2.69 -50.87
CA PHE A 533 -3.17 -3.64 -49.98
C PHE A 533 -2.20 -4.20 -48.96
N GLY A 534 -0.95 -4.43 -49.37
CA GLY A 534 0.00 -5.09 -48.50
C GLY A 534 0.59 -4.17 -47.44
N THR A 535 0.30 -2.87 -47.54
CA THR A 535 0.77 -1.95 -46.50
C THR A 535 -0.39 -1.26 -45.80
N TYR A 536 -1.62 -1.69 -46.06
CA TYR A 536 -2.76 -1.14 -45.34
C TYR A 536 -3.33 -2.18 -44.38
N ILE A 537 -3.29 -3.46 -44.77
CA ILE A 537 -3.78 -4.52 -43.91
C ILE A 537 -2.83 -4.74 -42.73
N ILE A 538 -1.55 -4.41 -42.92
CA ILE A 538 -0.58 -4.51 -41.84
C ILE A 538 -0.86 -3.47 -40.77
N GLN A 539 -1.19 -2.24 -41.17
CA GLN A 539 -1.38 -1.20 -40.16
C GLN A 539 -2.80 -1.23 -39.59
N LEU A 540 -3.71 -1.96 -40.25
CA LEU A 540 -5.00 -2.24 -39.61
C LEU A 540 -4.83 -3.29 -38.53
N TYR A 541 -4.02 -4.32 -38.80
CA TYR A 541 -3.81 -5.40 -37.88
C TYR A 541 -2.58 -5.18 -36.99
N MET A 542 -1.95 -4.02 -37.09
CA MET A 542 -0.88 -3.69 -36.15
C MET A 542 -1.38 -3.38 -34.74
N PRO A 543 -2.38 -2.50 -34.50
CA PRO A 543 -2.74 -2.25 -33.09
C PRO A 543 -3.49 -3.39 -32.43
N LEU A 544 -3.90 -4.40 -33.18
CA LEU A 544 -4.56 -5.55 -32.58
C LEU A 544 -3.54 -6.49 -31.93
N ASN A 545 -2.29 -6.44 -32.39
CA ASN A 545 -1.26 -7.29 -31.79
C ASN A 545 -0.52 -6.56 -30.69
N TRP A 546 -0.36 -5.23 -30.81
CA TRP A 546 0.30 -4.46 -29.76
C TRP A 546 -0.61 -4.28 -28.56
N PHE A 547 -1.92 -4.46 -28.75
CA PHE A 547 -2.83 -4.47 -27.60
C PHE A 547 -2.79 -5.82 -26.89
N GLY A 548 -2.11 -6.80 -27.49
CA GLY A 548 -2.00 -8.11 -26.86
C GLY A 548 -0.99 -8.14 -25.73
N THR A 549 -0.16 -7.12 -25.62
CA THR A 549 0.83 -7.08 -24.54
C THR A 549 0.23 -6.49 -23.27
N TYR A 550 -1.00 -5.99 -23.36
CA TYR A 550 -1.57 -5.26 -22.23
C TYR A 550 -2.48 -6.10 -21.35
N TYR A 551 -2.83 -7.33 -21.75
CA TYR A 551 -4.00 -8.01 -21.17
C TYR A 551 -3.80 -8.39 -19.71
N ARG A 552 -2.56 -8.45 -19.22
CA ARG A 552 -2.35 -8.75 -17.82
C ARG A 552 -2.24 -7.47 -16.99
N MET A 553 -2.32 -6.32 -17.65
CA MET A 553 -2.49 -5.08 -16.90
C MET A 553 -3.78 -4.37 -17.32
N ILE A 554 -4.53 -4.94 -18.27
CA ILE A 554 -5.95 -4.64 -18.35
C ILE A 554 -6.68 -5.31 -17.19
N GLN A 555 -6.26 -6.53 -16.85
CA GLN A 555 -6.94 -7.31 -15.82
C GLN A 555 -6.69 -6.71 -14.43
N THR A 556 -5.47 -6.28 -14.16
CA THR A 556 -5.15 -5.68 -12.87
C THR A 556 -5.84 -4.32 -12.73
N ASN A 557 -6.09 -3.64 -13.84
CA ASN A 557 -6.79 -2.36 -13.77
C ASN A 557 -8.31 -2.56 -13.69
N PHE A 558 -8.79 -3.78 -13.87
CA PHE A 558 -10.18 -4.06 -13.51
C PHE A 558 -10.31 -4.47 -12.06
N ILE A 559 -9.35 -5.26 -11.56
CA ILE A 559 -9.40 -5.71 -10.16
C ILE A 559 -9.21 -4.54 -9.21
N ASP A 560 -8.33 -3.59 -9.58
CA ASP A 560 -8.12 -2.43 -8.74
C ASP A 560 -9.21 -1.37 -8.96
N MET A 561 -10.12 -1.61 -9.91
CA MET A 561 -11.24 -0.71 -10.11
C MET A 561 -12.52 -1.27 -9.52
N GLU A 562 -12.71 -2.59 -9.62
CA GLU A 562 -13.94 -3.18 -9.11
C GLU A 562 -13.95 -3.24 -7.59
N ASN A 563 -12.77 -3.28 -6.96
CA ASN A 563 -12.71 -3.19 -5.51
C ASN A 563 -12.92 -1.76 -5.03
N MET A 564 -12.72 -0.79 -5.91
CA MET A 564 -12.95 0.60 -5.52
C MET A 564 -14.44 0.93 -5.52
N PHE A 565 -15.19 0.40 -6.49
CA PHE A 565 -16.62 0.69 -6.52
C PHE A 565 -17.39 -0.21 -5.57
N ASP A 566 -16.80 -1.34 -5.16
CA ASP A 566 -17.39 -2.10 -4.07
C ASP A 566 -17.24 -1.38 -2.75
N LEU A 567 -16.22 -0.53 -2.64
CA LEU A 567 -16.05 0.28 -1.43
C LEU A 567 -17.04 1.43 -1.40
N LEU A 568 -17.29 2.07 -2.55
CA LEU A 568 -18.04 3.31 -2.56
C LEU A 568 -19.54 3.07 -2.43
N LYS A 569 -19.99 1.83 -2.62
CA LYS A 569 -21.39 1.50 -2.36
C LYS A 569 -21.54 0.94 -0.94
N GLU A 570 -20.94 1.66 0.01
CA GLU A 570 -21.08 1.38 1.43
C GLU A 570 -21.50 2.67 2.12
N GLU A 571 -22.76 2.72 2.56
CA GLU A 571 -23.28 3.92 3.19
C GLU A 571 -22.80 4.01 4.62
N THR A 572 -22.88 5.21 5.18
CA THR A 572 -22.57 5.41 6.59
C THR A 572 -23.68 4.80 7.45
N GLU A 573 -23.27 4.06 8.48
CA GLU A 573 -24.25 3.38 9.33
C GLU A 573 -25.05 4.37 10.18
N VAL A 574 -24.38 5.37 10.74
CA VAL A 574 -25.03 6.40 11.54
C VAL A 574 -25.28 7.64 10.68
N LYS A 575 -26.56 7.89 10.37
CA LYS A 575 -26.94 8.94 9.44
C LYS A 575 -27.67 10.05 10.19
N ASP A 576 -27.25 11.29 9.95
CA ASP A 576 -28.02 12.42 10.44
C ASP A 576 -29.29 12.60 9.63
N LEU A 577 -30.30 13.18 10.24
CA LEU A 577 -31.61 13.29 9.58
C LEU A 577 -31.59 14.42 8.56
N PRO A 578 -32.40 14.32 7.50
CA PRO A 578 -32.53 15.45 6.59
C PRO A 578 -33.34 16.56 7.21
N GLY A 579 -32.83 17.78 7.13
CA GLY A 579 -33.47 18.92 7.79
C GLY A 579 -33.08 19.04 9.24
N ALA A 580 -31.86 18.61 9.59
CA ALA A 580 -31.43 18.64 10.98
C ALA A 580 -30.72 19.94 11.29
N GLY A 581 -31.10 20.56 12.41
CA GLY A 581 -30.46 21.76 12.86
C GLY A 581 -29.29 21.45 13.77
N PRO A 582 -28.49 22.46 14.08
CA PRO A 582 -27.34 22.24 14.97
C PRO A 582 -27.78 22.10 16.42
N LEU A 583 -26.91 21.49 17.22
CA LEU A 583 -27.19 21.33 18.63
C LEU A 583 -27.03 22.65 19.36
N ARG A 584 -28.10 23.09 20.02
CA ARG A 584 -28.08 24.32 20.81
C ARG A 584 -27.66 23.98 22.23
N PHE A 585 -26.39 24.23 22.52
CA PHE A 585 -25.77 23.87 23.79
C PHE A 585 -25.87 25.05 24.74
N GLN A 586 -26.55 24.86 25.87
CA GLN A 586 -26.77 25.94 26.82
C GLN A 586 -26.11 25.66 28.17
N LYS A 587 -26.40 24.51 28.79
CA LYS A 587 -25.92 24.22 30.13
C LYS A 587 -25.13 22.93 30.24
N GLY A 588 -25.50 21.89 29.50
CA GLY A 588 -24.80 20.62 29.63
C GLY A 588 -25.47 19.65 30.58
N ARG A 589 -26.75 19.37 30.35
CA ARG A 589 -27.52 18.43 31.17
C ARG A 589 -27.71 17.13 30.40
N ILE A 590 -27.04 16.07 30.84
CA ILE A 590 -27.02 14.79 30.15
C ILE A 590 -28.04 13.87 30.82
N GLU A 591 -28.89 13.24 30.01
CA GLU A 591 -29.92 12.34 30.50
C GLU A 591 -30.03 11.12 29.58
N PHE A 592 -30.01 9.94 30.17
CA PHE A 592 -30.39 8.71 29.49
C PHE A 592 -31.76 8.29 29.99
N GLU A 593 -32.63 7.84 29.08
CA GLU A 593 -33.94 7.31 29.45
C GLU A 593 -34.08 5.92 28.84
N ASN A 594 -33.67 4.91 29.62
CA ASN A 594 -33.92 3.49 29.33
C ASN A 594 -33.28 3.06 28.02
N VAL A 595 -31.98 3.30 27.89
CA VAL A 595 -31.29 3.00 26.65
C VAL A 595 -30.88 1.53 26.62
N HIS A 596 -31.14 0.86 25.51
CA HIS A 596 -30.71 -0.51 25.26
C HIS A 596 -29.79 -0.49 24.05
N PHE A 597 -28.78 -1.36 24.05
CA PHE A 597 -27.80 -1.34 22.98
C PHE A 597 -27.20 -2.73 22.81
N SER A 598 -26.88 -3.07 21.56
CA SER A 598 -26.28 -4.35 21.21
C SER A 598 -25.28 -4.12 20.07
N TYR A 599 -24.12 -4.76 20.16
CA TYR A 599 -23.14 -4.66 19.08
C TYR A 599 -23.55 -5.49 17.87
N ALA A 600 -23.78 -6.79 18.08
CA ALA A 600 -24.10 -7.70 16.98
C ALA A 600 -25.29 -8.60 17.25
N ASP A 601 -26.27 -8.14 18.04
CA ASP A 601 -27.60 -8.70 18.27
C ASP A 601 -27.57 -10.01 19.08
N GLY A 602 -26.40 -10.60 19.33
CA GLY A 602 -26.36 -11.81 20.14
C GLY A 602 -26.53 -11.53 21.61
N ARG A 603 -25.95 -10.43 22.08
CA ARG A 603 -26.01 -10.04 23.49
C ARG A 603 -26.48 -8.61 23.58
N GLU A 604 -27.25 -8.30 24.63
CA GLU A 604 -27.55 -6.92 24.98
C GLU A 604 -26.42 -6.40 25.86
N THR A 605 -25.67 -5.43 25.34
CA THR A 605 -24.52 -4.91 26.07
C THR A 605 -24.96 -3.99 27.21
N LEU A 606 -25.88 -3.09 26.94
CA LEU A 606 -26.43 -2.20 27.95
C LEU A 606 -27.92 -2.48 28.09
N GLN A 607 -28.36 -2.71 29.34
CA GLN A 607 -29.75 -3.05 29.63
C GLN A 607 -30.30 -2.05 30.62
N ASP A 608 -31.17 -1.15 30.14
CA ASP A 608 -31.94 -0.19 30.95
C ASP A 608 -31.02 0.74 31.72
N VAL A 609 -30.05 1.33 31.02
CA VAL A 609 -29.16 2.33 31.60
C VAL A 609 -29.91 3.65 31.64
N SER A 610 -29.95 4.27 32.82
CA SER A 610 -30.65 5.55 33.00
C SER A 610 -30.00 6.34 34.12
N PHE A 611 -29.64 7.58 33.83
CA PHE A 611 -29.16 8.52 34.84
C PHE A 611 -29.42 9.94 34.36
N THR A 612 -29.11 10.90 35.23
CA THR A 612 -29.29 12.32 34.96
C THR A 612 -28.13 13.08 35.57
N VAL A 613 -27.41 13.85 34.76
CA VAL A 613 -26.26 14.62 35.20
C VAL A 613 -26.61 16.09 35.13
N MET A 614 -26.71 16.74 36.27
CA MET A 614 -26.92 18.18 36.31
C MET A 614 -25.64 18.89 35.86
N PRO A 615 -25.76 20.10 35.30
CA PRO A 615 -24.57 20.80 34.80
C PRO A 615 -23.63 21.22 35.92
N GLY A 616 -22.33 21.09 35.66
CA GLY A 616 -21.31 21.40 36.63
C GLY A 616 -21.03 20.32 37.64
N GLN A 617 -21.37 19.06 37.33
CA GLN A 617 -21.22 17.96 38.27
C GLN A 617 -20.41 16.84 37.62
N THR A 618 -19.65 16.11 38.43
CA THR A 618 -18.84 15.02 37.93
C THR A 618 -19.47 13.68 38.26
N LEU A 619 -19.69 12.86 37.23
CA LEU A 619 -20.28 11.54 37.38
C LEU A 619 -19.17 10.50 37.34
N ALA A 620 -19.31 9.45 38.14
CA ALA A 620 -18.31 8.40 38.23
C ALA A 620 -18.91 7.07 37.82
N LEU A 621 -18.22 6.35 36.94
CA LEU A 621 -18.61 5.02 36.51
C LEU A 621 -17.55 4.04 37.00
N VAL A 622 -17.97 3.01 37.72
CA VAL A 622 -17.04 1.98 38.20
C VAL A 622 -17.63 0.60 37.91
N GLY A 623 -16.80 -0.42 38.03
CA GLY A 623 -17.22 -1.77 37.78
C GLY A 623 -16.07 -2.62 37.26
N PRO A 624 -16.34 -3.91 37.02
CA PRO A 624 -15.28 -4.79 36.50
C PRO A 624 -15.04 -4.55 35.01
N SER A 625 -14.05 -5.28 34.50
CA SER A 625 -13.70 -5.16 33.09
C SER A 625 -14.75 -5.85 32.22
N GLY A 626 -15.09 -5.22 31.10
CA GLY A 626 -16.11 -5.73 30.23
C GLY A 626 -17.51 -5.50 30.70
N ALA A 627 -17.75 -4.47 31.51
CA ALA A 627 -19.09 -4.24 32.06
C ALA A 627 -19.92 -3.38 31.12
N GLY A 628 -19.28 -2.54 30.32
CA GLY A 628 -20.00 -1.63 29.45
C GLY A 628 -19.73 -0.19 29.82
N LYS A 629 -18.55 0.07 30.38
CA LYS A 629 -18.24 1.41 30.88
C LYS A 629 -17.87 2.36 29.76
N SER A 630 -16.96 1.93 28.87
CA SER A 630 -16.58 2.79 27.75
C SER A 630 -17.65 2.82 26.67
N THR A 631 -18.57 1.86 26.69
CA THR A 631 -19.64 1.81 25.69
C THR A 631 -20.63 2.95 25.91
N ILE A 632 -20.82 3.36 27.17
CA ILE A 632 -21.65 4.53 27.47
C ILE A 632 -21.00 5.80 26.92
N LEU A 633 -19.68 5.86 26.93
CA LEU A 633 -19.00 7.03 26.40
C LEU A 633 -18.83 6.95 24.88
N ARG A 634 -19.31 5.87 24.27
CA ARG A 634 -19.41 5.84 22.81
C ARG A 634 -20.78 6.31 22.35
N LEU A 635 -21.82 6.03 23.13
CA LEU A 635 -23.17 6.39 22.72
C LEU A 635 -23.43 7.87 22.95
N LEU A 636 -22.78 8.47 23.94
CA LEU A 636 -22.96 9.89 24.19
C LEU A 636 -22.30 10.73 23.10
N PHE A 637 -21.19 10.23 22.55
CA PHE A 637 -20.48 10.86 21.45
C PHE A 637 -21.15 10.53 20.12
N ARG A 638 -22.05 9.55 20.11
CA ARG A 638 -22.76 9.03 18.92
C ARG A 638 -21.78 8.52 17.87
N PHE A 639 -21.06 7.44 18.20
CA PHE A 639 -20.51 6.60 17.14
C PHE A 639 -21.54 5.60 16.66
N TYR A 640 -22.45 5.22 17.54
CA TYR A 640 -23.38 4.12 17.33
C TYR A 640 -24.81 4.58 17.61
N ASP A 641 -25.74 4.08 16.82
CA ASP A 641 -27.17 4.31 17.04
C ASP A 641 -27.67 3.36 18.11
N ILE A 642 -28.61 3.82 18.91
CA ILE A 642 -29.18 3.00 19.98
C ILE A 642 -30.36 2.21 19.44
N SER A 643 -30.72 1.13 20.14
CA SER A 643 -31.87 0.33 19.72
C SER A 643 -33.17 0.96 20.16
N SER A 644 -33.30 1.25 21.46
CA SER A 644 -34.46 1.94 21.99
C SER A 644 -34.01 2.94 23.04
N GLY A 645 -34.98 3.62 23.64
CA GLY A 645 -34.67 4.66 24.60
C GLY A 645 -34.32 5.97 23.94
N CYS A 646 -33.79 6.88 24.75
CA CYS A 646 -33.48 8.22 24.28
C CYS A 646 -32.29 8.78 25.05
N ILE A 647 -31.48 9.57 24.34
CA ILE A 647 -30.34 10.28 24.91
C ILE A 647 -30.58 11.77 24.72
N ARG A 648 -30.56 12.51 25.83
CA ARG A 648 -30.87 13.94 25.79
C ARG A 648 -29.70 14.75 26.31
N ILE A 649 -29.38 15.83 25.61
CA ILE A 649 -28.45 16.85 26.08
C ILE A 649 -29.17 18.18 26.05
N ASP A 650 -29.40 18.75 27.24
CA ASP A 650 -30.16 20.00 27.45
C ASP A 650 -31.56 19.91 26.85
N GLY A 651 -32.22 18.78 27.07
CA GLY A 651 -33.56 18.56 26.56
C GLY A 651 -33.65 18.33 25.08
N GLN A 652 -32.55 18.06 24.40
CA GLN A 652 -32.52 17.85 22.96
C GLN A 652 -31.96 16.47 22.65
N ASP A 653 -32.65 15.72 21.82
CA ASP A 653 -32.19 14.39 21.43
C ASP A 653 -30.96 14.52 20.53
N ILE A 654 -30.00 13.60 20.72
CA ILE A 654 -28.77 13.69 19.95
C ILE A 654 -28.95 13.02 18.59
N SER A 655 -30.01 12.25 18.43
CA SER A 655 -30.26 11.60 17.14
C SER A 655 -30.94 12.57 16.18
N GLN A 656 -31.52 13.65 16.70
CA GLN A 656 -32.24 14.59 15.86
C GLN A 656 -31.30 15.62 15.25
N VAL A 657 -30.36 16.14 16.05
CA VAL A 657 -29.47 17.19 15.58
C VAL A 657 -28.33 16.61 14.76
N THR A 658 -27.58 17.49 14.10
CA THR A 658 -26.45 17.06 13.30
C THR A 658 -25.34 16.53 14.17
N GLN A 659 -24.68 15.46 13.70
CA GLN A 659 -23.62 14.85 14.47
C GLN A 659 -22.32 15.65 14.40
N ALA A 660 -22.23 16.60 13.47
CA ALA A 660 -21.04 17.43 13.38
C ALA A 660 -21.09 18.58 14.38
N SER A 661 -22.28 18.86 14.92
CA SER A 661 -22.40 19.89 15.95
C SER A 661 -22.56 19.27 17.33
N LEU A 662 -22.95 17.99 17.38
CA LEU A 662 -23.00 17.26 18.64
C LEU A 662 -21.61 17.08 19.23
N ARG A 663 -20.64 16.70 18.41
CA ARG A 663 -19.33 16.36 18.93
C ARG A 663 -18.39 17.58 18.91
N SER A 664 -18.96 18.77 18.80
CA SER A 664 -18.15 19.98 18.96
C SER A 664 -18.20 20.48 20.39
N HIS A 665 -19.19 20.02 21.16
CA HIS A 665 -19.29 20.42 22.56
C HIS A 665 -18.80 19.31 23.48
N ILE A 666 -18.37 18.19 22.90
CA ILE A 666 -17.96 17.04 23.68
C ILE A 666 -16.49 16.74 23.40
N GLY A 667 -15.69 16.67 24.46
CA GLY A 667 -14.28 16.35 24.33
C GLY A 667 -13.88 15.16 25.16
N VAL A 668 -13.46 14.09 24.49
CA VAL A 668 -13.18 12.81 25.14
C VAL A 668 -11.73 12.43 24.91
N VAL A 669 -11.03 12.07 25.98
CA VAL A 669 -9.70 11.48 25.92
C VAL A 669 -9.87 9.96 25.79
N PRO A 670 -9.20 9.31 24.85
CA PRO A 670 -9.41 7.87 24.66
C PRO A 670 -8.75 7.04 25.74
N GLN A 671 -9.06 5.74 25.73
CA GLN A 671 -8.52 4.84 26.74
C GLN A 671 -7.04 4.56 26.48
N ASP A 672 -6.72 4.02 25.32
CA ASP A 672 -5.34 3.91 24.84
C ASP A 672 -5.14 4.93 23.72
N THR A 673 -4.21 5.85 23.93
CA THR A 673 -4.13 7.07 23.15
C THR A 673 -3.18 6.89 21.98
N VAL A 674 -3.61 7.32 20.79
CA VAL A 674 -2.80 7.28 19.58
C VAL A 674 -2.45 8.71 19.21
N LEU A 675 -1.32 8.89 18.54
CA LEU A 675 -0.82 10.20 18.17
C LEU A 675 -0.43 10.21 16.70
N PHE A 676 -0.47 11.38 16.09
CA PHE A 676 -0.01 11.52 14.71
C PHE A 676 1.50 11.43 14.63
N ASN A 677 2.01 11.10 13.44
CA ASN A 677 3.45 10.87 13.29
C ASN A 677 4.17 12.16 12.93
N ASP A 678 4.09 13.14 13.83
CA ASP A 678 4.78 14.41 13.66
C ASP A 678 5.11 15.04 15.00
N THR A 679 5.36 16.34 15.01
CA THR A 679 5.81 17.07 16.20
C THR A 679 4.76 17.03 17.30
N ILE A 680 5.21 17.09 18.55
CA ILE A 680 4.28 16.95 19.67
C ILE A 680 3.56 18.27 19.90
N ALA A 681 4.09 19.36 19.35
CA ALA A 681 3.40 20.63 19.44
C ALA A 681 2.24 20.69 18.46
N ASP A 682 2.18 19.74 17.52
CA ASP A 682 1.03 19.65 16.64
C ASP A 682 0.03 18.61 17.15
N ASN A 683 0.49 17.65 17.96
CA ASN A 683 -0.44 16.72 18.59
C ASN A 683 -1.25 17.41 19.67
N ILE A 684 -0.69 18.44 20.31
CA ILE A 684 -1.41 19.16 21.34
C ILE A 684 -2.32 20.22 20.73
N ARG A 685 -1.88 20.85 19.62
CA ARG A 685 -2.72 21.88 19.01
C ARG A 685 -3.78 21.30 18.09
N TYR A 686 -3.87 19.97 17.97
CA TYR A 686 -4.85 19.37 17.07
C TYR A 686 -6.26 19.45 17.64
N GLY A 687 -6.39 19.78 18.93
CA GLY A 687 -7.71 19.99 19.51
C GLY A 687 -8.41 21.20 18.92
N ARG A 688 -7.83 22.38 19.10
CA ARG A 688 -8.28 23.59 18.41
C ARG A 688 -7.11 24.06 17.55
N VAL A 689 -7.27 23.94 16.23
CA VAL A 689 -6.13 24.06 15.32
C VAL A 689 -5.77 25.52 15.10
N THR A 690 -6.68 26.44 15.43
CA THR A 690 -6.42 27.86 15.21
C THR A 690 -5.74 28.50 16.41
N ALA A 691 -5.31 27.70 17.39
CA ALA A 691 -4.67 28.23 18.58
C ALA A 691 -3.21 28.55 18.31
N GLY A 692 -2.70 29.53 19.04
CA GLY A 692 -1.31 29.93 18.89
C GLY A 692 -0.39 29.16 19.81
N ASN A 693 0.91 29.48 19.69
CA ASN A 693 1.93 28.74 20.42
C ASN A 693 1.93 29.13 21.90
N ASP A 694 1.36 30.30 22.22
CA ASP A 694 1.29 30.73 23.61
C ASP A 694 0.20 30.00 24.37
N GLU A 695 -0.78 29.44 23.65
CA GLU A 695 -1.90 28.79 24.33
C GLU A 695 -1.68 27.28 24.40
N VAL A 696 -0.88 26.74 23.48
CA VAL A 696 -0.46 25.33 23.55
C VAL A 696 0.39 25.10 24.79
N GLU A 697 1.37 25.98 25.00
CA GLU A 697 2.28 25.84 26.14
C GLU A 697 1.57 26.13 27.45
N ALA A 698 0.50 26.93 27.40
CA ALA A 698 -0.23 27.27 28.62
C ALA A 698 -1.05 26.09 29.12
N ALA A 699 -1.71 25.37 28.20
CA ALA A 699 -2.58 24.28 28.63
C ALA A 699 -1.82 22.96 28.68
N ALA A 700 -0.55 22.96 28.28
CA ALA A 700 0.29 21.81 28.54
C ALA A 700 0.86 21.86 29.95
N GLN A 701 0.73 23.01 30.61
CA GLN A 701 1.06 23.09 32.03
C GLN A 701 0.01 22.38 32.86
N ALA A 702 -1.25 22.43 32.42
CA ALA A 702 -2.34 21.81 33.17
C ALA A 702 -2.32 20.29 33.01
N ALA A 703 -1.61 19.79 32.00
CA ALA A 703 -1.50 18.34 31.83
C ALA A 703 -0.30 17.76 32.57
N GLY A 704 0.58 18.62 33.08
CA GLY A 704 1.71 18.17 33.87
C GLY A 704 2.91 17.70 33.08
N ILE A 705 2.90 17.89 31.75
CA ILE A 705 4.00 17.46 30.91
C ILE A 705 4.96 18.60 30.59
N HIS A 706 4.61 19.83 30.99
CA HIS A 706 5.34 21.03 30.58
C HIS A 706 6.79 21.04 31.07
N ASP A 707 7.04 20.48 32.25
CA ASP A 707 8.41 20.44 32.75
C ASP A 707 9.14 19.20 32.28
N ALA A 708 8.45 18.31 31.55
CA ALA A 708 9.08 17.09 31.08
C ALA A 708 9.55 17.23 29.64
N ILE A 709 9.02 18.22 28.92
CA ILE A 709 9.43 18.40 27.52
C ILE A 709 10.64 19.30 27.44
N MET A 710 10.81 20.19 28.43
CA MET A 710 11.97 21.09 28.40
C MET A 710 13.25 20.37 28.82
N ALA A 711 13.13 19.13 29.31
CA ALA A 711 14.31 18.31 29.53
C ALA A 711 14.69 17.56 28.25
N PHE A 712 13.78 17.50 27.29
CA PHE A 712 14.08 16.84 26.03
C PHE A 712 14.99 17.73 25.18
N PRO A 713 15.73 17.15 24.24
CA PRO A 713 16.30 17.97 23.17
C PRO A 713 15.21 18.36 22.17
N GLU A 714 15.53 19.33 21.32
CA GLU A 714 14.72 19.86 20.20
C GLU A 714 13.44 20.57 20.62
N GLY A 715 13.11 20.62 21.90
CA GLY A 715 11.97 21.43 22.33
C GLY A 715 10.65 20.79 22.01
N TYR A 716 9.65 21.64 21.69
CA TYR A 716 8.29 21.17 21.48
C TYR A 716 8.10 20.46 20.15
N ARG A 717 9.04 20.59 19.23
CA ARG A 717 8.77 19.98 17.92
C ARG A 717 9.60 18.71 17.72
N THR A 718 9.87 17.98 18.80
CA THR A 718 10.48 16.66 18.72
C THR A 718 9.48 15.64 18.19
N GLN A 719 9.97 14.43 17.89
CA GLN A 719 9.16 13.46 17.18
C GLN A 719 8.65 12.37 18.13
N VAL A 720 7.46 11.85 17.83
CA VAL A 720 6.88 10.76 18.60
C VAL A 720 6.97 9.44 17.86
N GLY A 721 7.43 9.46 16.62
CA GLY A 721 7.30 8.29 15.78
C GLY A 721 5.86 8.01 15.42
N GLU A 722 5.61 6.83 14.85
CA GLU A 722 4.25 6.51 14.48
C GLU A 722 3.49 6.02 15.71
N ARG A 723 2.26 6.52 15.87
CA ARG A 723 1.35 6.31 16.98
C ARG A 723 1.98 6.59 18.35
N GLY A 724 2.91 7.54 18.45
CA GLY A 724 3.41 7.98 19.73
C GLY A 724 4.31 7.01 20.46
N LEU A 725 4.87 6.02 19.77
CA LEU A 725 5.60 4.96 20.45
C LEU A 725 6.99 5.41 20.89
N LYS A 726 7.47 6.56 20.40
CA LYS A 726 8.81 6.98 20.81
C LYS A 726 8.81 7.69 22.14
N LEU A 727 7.65 8.10 22.65
CA LEU A 727 7.70 8.83 23.92
C LEU A 727 7.77 7.89 25.11
N SER A 728 6.66 7.24 25.46
CA SER A 728 6.49 6.60 26.75
C SER A 728 5.12 5.94 26.84
N GLY A 729 4.81 5.37 28.00
CA GLY A 729 3.42 5.06 28.30
C GLY A 729 2.72 6.21 28.99
N GLY A 730 3.47 7.00 29.78
CA GLY A 730 2.86 8.07 30.54
C GLY A 730 2.98 9.42 29.87
N GLU A 731 4.08 9.64 29.14
CA GLU A 731 4.22 10.88 28.39
C GLU A 731 3.34 10.87 27.16
N LYS A 732 3.03 9.67 26.65
CA LYS A 732 2.03 9.53 25.58
C LYS A 732 0.67 9.97 26.05
N GLN A 733 0.35 9.70 27.32
CA GLN A 733 -1.00 9.90 27.80
C GLN A 733 -1.25 11.35 28.17
N ARG A 734 -0.23 12.04 28.71
CA ARG A 734 -0.42 13.42 29.16
C ARG A 734 -0.52 14.38 27.98
N VAL A 735 -0.15 13.94 26.79
CA VAL A 735 -0.45 14.72 25.58
C VAL A 735 -1.95 14.66 25.30
N ALA A 736 -2.60 13.54 25.59
CA ALA A 736 -4.00 13.38 25.25
C ALA A 736 -4.91 14.15 26.21
N ILE A 737 -4.49 14.32 27.46
CA ILE A 737 -5.20 15.24 28.35
C ILE A 737 -5.04 16.68 27.86
N ALA A 738 -3.83 17.01 27.43
CA ALA A 738 -3.52 18.36 26.97
C ALA A 738 -4.32 18.79 25.76
N ARG A 739 -4.51 17.89 24.81
CA ARG A 739 -5.26 18.21 23.60
C ARG A 739 -6.69 18.58 23.92
N THR A 740 -7.28 17.87 24.88
CA THR A 740 -8.68 18.07 25.23
C THR A 740 -8.88 19.44 25.86
N ILE A 741 -7.86 19.94 26.56
CA ILE A 741 -7.99 21.22 27.25
C ILE A 741 -7.96 22.37 26.24
N LEU A 742 -7.20 22.21 25.14
CA LEU A 742 -7.19 23.23 24.10
C LEU A 742 -8.53 23.32 23.38
N LYS A 743 -9.26 22.20 23.31
CA LYS A 743 -10.60 22.25 22.73
C LYS A 743 -11.55 23.02 23.64
N ALA A 744 -11.37 22.88 24.96
CA ALA A 744 -12.20 23.39 26.05
C ALA A 744 -13.68 23.08 25.82
N PRO A 745 -14.08 21.81 25.83
CA PRO A 745 -15.43 21.46 25.41
C PRO A 745 -16.43 21.75 26.51
N GLY A 746 -17.71 21.72 26.14
CA GLY A 746 -18.75 21.87 27.15
C GLY A 746 -18.87 20.65 28.04
N ILE A 747 -18.72 19.46 27.46
CA ILE A 747 -18.80 18.20 28.17
C ILE A 747 -17.47 17.48 28.02
N ILE A 748 -16.89 17.07 29.15
CA ILE A 748 -15.58 16.44 29.17
C ILE A 748 -15.76 14.98 29.57
N LEU A 749 -15.16 14.08 28.80
CA LEU A 749 -15.27 12.64 29.05
C LEU A 749 -13.88 12.06 29.25
N LEU A 750 -13.72 11.15 30.20
CA LEU A 750 -12.42 10.54 30.46
C LEU A 750 -12.49 9.03 30.60
N ASP A 751 -12.15 8.31 29.53
CA ASP A 751 -12.11 6.84 29.58
C ASP A 751 -11.04 6.46 30.59
N GLN A 752 -9.77 6.52 30.21
CA GLN A 752 -8.71 6.29 31.20
C GLN A 752 -7.73 7.45 31.12
N ALA A 753 -7.50 8.14 32.22
CA ALA A 753 -6.54 9.23 32.23
C ALA A 753 -5.36 8.97 33.15
N THR A 754 -5.54 8.12 34.16
CA THR A 754 -4.48 7.86 35.12
C THR A 754 -3.89 6.46 35.05
N SER A 755 -4.21 5.70 34.00
CA SER A 755 -3.77 4.32 33.93
C SER A 755 -2.26 4.13 33.92
N ALA A 756 -1.55 4.94 33.14
CA ALA A 756 -0.10 4.79 33.05
C ALA A 756 0.64 5.79 33.93
N LEU A 757 -0.12 6.59 34.67
CA LEU A 757 0.50 7.59 35.53
C LEU A 757 0.58 7.06 36.95
N ASP A 758 1.58 7.50 37.70
CA ASP A 758 1.71 7.08 39.09
C ASP A 758 0.74 7.88 39.98
N THR A 759 0.86 7.65 41.28
CA THR A 759 -0.09 8.26 42.21
C THR A 759 0.26 9.71 42.50
N SER A 760 1.48 10.13 42.16
CA SER A 760 1.89 11.50 42.42
C SER A 760 1.48 12.43 41.28
N ASN A 761 1.07 11.87 40.15
CA ASN A 761 0.77 12.70 38.98
C ASN A 761 -0.73 12.79 38.72
N GLU A 762 -1.56 12.05 39.45
CA GLU A 762 -2.99 12.21 39.23
C GLU A 762 -3.51 13.49 39.89
N ARG A 763 -3.14 13.75 41.14
CA ARG A 763 -3.69 14.90 41.84
C ARG A 763 -2.96 16.19 41.46
N ALA A 764 -1.85 16.07 40.74
CA ALA A 764 -1.32 17.25 40.06
C ALA A 764 -2.19 17.60 38.85
N ILE A 765 -2.89 16.61 38.30
CA ILE A 765 -3.78 16.85 37.16
C ILE A 765 -5.22 16.98 37.63
N GLN A 766 -5.62 16.16 38.61
CA GLN A 766 -7.02 16.15 39.06
C GLN A 766 -7.39 17.45 39.75
N ALA A 767 -6.46 18.05 40.50
CA ALA A 767 -6.68 19.38 41.04
C ALA A 767 -6.60 20.43 39.94
N SER A 768 -5.78 20.18 38.92
CA SER A 768 -5.68 21.12 37.81
C SER A 768 -6.88 21.00 36.87
N LEU A 769 -7.45 19.80 36.76
CA LEU A 769 -8.68 19.64 35.98
C LEU A 769 -9.88 20.17 36.75
N ALA A 770 -9.77 20.31 38.07
CA ALA A 770 -10.90 20.75 38.87
C ALA A 770 -11.13 22.26 38.71
N LYS A 771 -10.14 22.98 38.19
CA LYS A 771 -10.31 24.40 37.87
C LYS A 771 -10.46 24.53 36.37
N VAL A 772 -10.67 23.40 35.71
CA VAL A 772 -11.06 23.35 34.30
C VAL A 772 -12.49 22.83 34.26
N CYS A 773 -12.80 21.87 35.11
CA CYS A 773 -14.14 21.30 35.21
C CYS A 773 -15.00 22.01 36.26
N ALA A 774 -14.81 23.33 36.45
CA ALA A 774 -15.50 24.04 37.52
C ALA A 774 -16.99 24.18 37.21
N ASN A 775 -17.33 24.59 35.99
CA ASN A 775 -18.72 24.75 35.59
C ASN A 775 -19.06 23.93 34.35
N ARG A 776 -18.28 22.91 34.05
CA ARG A 776 -18.45 22.12 32.83
C ARG A 776 -18.63 20.65 33.19
N THR A 777 -19.54 20.00 32.47
CA THR A 777 -19.98 18.65 32.81
C THR A 777 -18.87 17.63 32.55
N THR A 778 -18.65 16.76 33.53
CA THR A 778 -17.57 15.77 33.48
C THR A 778 -18.13 14.38 33.74
N ILE A 779 -17.79 13.42 32.88
CA ILE A 779 -18.09 12.01 33.09
C ILE A 779 -16.76 11.28 33.16
N VAL A 780 -16.45 10.68 34.32
CA VAL A 780 -15.18 10.01 34.53
C VAL A 780 -15.45 8.55 34.85
N VAL A 781 -14.55 7.67 34.42
CA VAL A 781 -14.58 6.25 34.75
C VAL A 781 -13.15 5.78 34.97
N ALA A 782 -12.89 5.19 36.13
CA ALA A 782 -11.55 4.77 36.53
C ALA A 782 -11.63 3.47 37.30
N HIS A 783 -10.57 2.66 37.21
CA HIS A 783 -10.52 1.41 37.94
C HIS A 783 -9.98 1.61 39.35
N ARG A 784 -8.98 2.48 39.51
CA ARG A 784 -8.56 2.88 40.84
C ARG A 784 -9.65 3.73 41.48
N LEU A 785 -9.87 3.54 42.78
CA LEU A 785 -11.11 3.99 43.37
C LEU A 785 -10.89 5.18 44.30
N SER A 786 -9.66 5.64 44.42
CA SER A 786 -9.39 6.81 45.25
C SER A 786 -9.66 8.10 44.49
N THR A 787 -9.76 8.03 43.17
CA THR A 787 -9.95 9.24 42.37
C THR A 787 -11.39 9.72 42.42
N VAL A 788 -12.34 8.80 42.58
CA VAL A 788 -13.75 9.15 42.50
C VAL A 788 -14.41 9.33 43.86
N VAL A 789 -13.61 9.58 44.90
CA VAL A 789 -14.16 9.78 46.24
C VAL A 789 -14.93 11.10 46.31
N ASN A 790 -14.38 12.16 45.71
CA ASN A 790 -15.01 13.47 45.78
C ASN A 790 -15.92 13.71 44.58
N ALA A 791 -16.40 12.64 43.95
CA ALA A 791 -17.31 12.78 42.83
C ALA A 791 -18.72 13.12 43.32
N ASP A 792 -19.59 13.49 42.39
CA ASP A 792 -20.93 13.92 42.79
C ASP A 792 -21.90 12.74 42.84
N GLN A 793 -21.73 11.78 41.94
CA GLN A 793 -22.60 10.61 41.87
C GLN A 793 -21.81 9.46 41.25
N ILE A 794 -21.83 8.30 41.92
CA ILE A 794 -21.04 7.15 41.52
C ILE A 794 -21.99 6.06 41.04
N LEU A 795 -21.77 5.57 39.82
CA LEU A 795 -22.60 4.53 39.21
C LEU A 795 -21.78 3.24 39.13
N VAL A 796 -22.41 2.13 39.50
CA VAL A 796 -21.75 0.82 39.51
C VAL A 796 -22.39 -0.03 38.42
N ILE A 797 -21.57 -0.57 37.53
CA ILE A 797 -22.02 -1.33 36.37
C ILE A 797 -21.42 -2.73 36.45
N LYS A 798 -22.27 -3.74 36.50
CA LYS A 798 -21.77 -5.12 36.56
C LYS A 798 -21.74 -5.78 35.18
N ASP A 799 -22.90 -5.92 34.54
CA ASP A 799 -22.98 -6.56 33.22
C ASP A 799 -23.87 -5.72 32.30
N GLY A 800 -23.60 -4.42 32.32
CA GLY A 800 -24.43 -3.50 31.58
C GLY A 800 -25.69 -3.07 32.28
N CYS A 801 -25.84 -3.42 33.55
CA CYS A 801 -27.01 -3.03 34.32
C CYS A 801 -26.53 -2.37 35.61
N ILE A 802 -27.12 -1.22 35.92
CA ILE A 802 -26.78 -0.47 37.13
C ILE A 802 -27.36 -1.20 38.33
N VAL A 803 -26.51 -1.54 39.29
CA VAL A 803 -26.99 -2.25 40.47
C VAL A 803 -27.25 -1.29 41.62
N GLU A 804 -26.47 -0.21 41.71
CA GLU A 804 -26.61 0.77 42.79
C GLU A 804 -25.93 2.07 42.38
N ARG A 805 -26.48 3.18 42.88
CA ARG A 805 -25.97 4.50 42.56
C ARG A 805 -26.03 5.39 43.80
N GLY A 806 -25.36 6.53 43.71
CA GLY A 806 -25.34 7.48 44.81
C GLY A 806 -23.93 8.02 45.00
N ARG A 807 -23.75 8.69 46.13
CA ARG A 807 -22.46 9.31 46.44
C ARG A 807 -21.50 8.27 47.03
N HIS A 808 -20.38 8.76 47.56
CA HIS A 808 -19.36 7.86 48.08
C HIS A 808 -19.71 7.36 49.47
N GLU A 809 -20.23 8.23 50.34
CA GLU A 809 -20.52 7.82 51.71
C GLU A 809 -21.85 7.07 51.78
N ALA A 810 -22.70 7.22 50.76
CA ALA A 810 -24.00 6.56 50.79
C ALA A 810 -23.90 5.10 50.36
N LEU A 811 -22.76 4.71 49.78
CA LEU A 811 -22.60 3.33 49.32
C LEU A 811 -21.64 2.56 50.21
N LEU A 812 -20.90 3.26 51.08
CA LEU A 812 -20.11 2.57 52.08
C LEU A 812 -20.96 2.14 53.26
N SER A 813 -21.96 2.96 53.61
CA SER A 813 -22.87 2.59 54.69
C SER A 813 -23.94 1.62 54.20
N ARG A 814 -24.13 1.55 52.89
CA ARG A 814 -25.12 0.63 52.33
C ARG A 814 -24.62 -0.81 52.41
N GLY A 815 -23.31 -1.01 52.25
CA GLY A 815 -22.75 -2.35 52.28
C GLY A 815 -23.01 -3.18 51.05
N GLY A 816 -23.22 -2.55 49.90
CA GLY A 816 -23.49 -3.27 48.67
C GLY A 816 -22.24 -3.78 47.99
N VAL A 817 -22.23 -3.77 46.66
CA VAL A 817 -21.09 -4.30 45.92
C VAL A 817 -19.98 -3.24 45.83
N TYR A 818 -20.33 -1.98 46.04
CA TYR A 818 -19.32 -0.93 46.05
C TYR A 818 -18.50 -0.96 47.33
N ALA A 819 -19.15 -1.24 48.47
CA ALA A 819 -18.44 -1.30 49.73
C ALA A 819 -17.55 -2.52 49.81
N ASP A 820 -17.96 -3.63 49.19
CA ASP A 820 -17.10 -4.79 49.11
C ASP A 820 -15.94 -4.56 48.14
N MET A 821 -16.14 -3.68 47.17
CA MET A 821 -15.06 -3.33 46.25
C MET A 821 -14.12 -2.31 46.89
N TRP A 822 -14.62 -1.54 47.85
CA TRP A 822 -13.77 -0.59 48.56
C TRP A 822 -12.92 -1.29 49.62
N GLN A 823 -13.52 -2.23 50.36
CA GLN A 823 -12.77 -2.94 51.40
C GLN A 823 -11.75 -3.89 50.81
N LEU A 824 -11.95 -4.32 49.57
CA LEU A 824 -11.01 -5.25 48.93
C LEU A 824 -9.74 -4.53 48.51
N GLN A 825 -9.77 -3.21 48.38
CA GLN A 825 -8.61 -2.48 47.92
C GLN A 825 -7.82 -1.90 49.10
N GLN A 826 -8.49 -1.71 50.24
CA GLN A 826 -7.81 -1.15 51.41
C GLN A 826 -6.93 -2.18 52.09
N GLY A 827 -7.19 -3.46 51.86
CA GLY A 827 -6.40 -4.52 52.47
C GLY A 827 -7.23 -5.70 52.91
N THR B 238 26.75 9.97 -10.95
CA THR B 238 25.49 9.25 -10.87
C THR B 238 25.19 8.52 -12.16
N TRP B 239 26.04 8.72 -13.17
CA TRP B 239 25.88 8.00 -14.43
C TRP B 239 26.73 6.74 -14.46
N ARG B 240 27.78 6.71 -13.64
CA ARG B 240 28.58 5.48 -13.51
C ARG B 240 27.97 4.56 -12.45
N ASP B 241 27.06 5.10 -11.63
CA ASP B 241 26.35 4.25 -10.68
C ASP B 241 25.09 3.67 -11.30
N PHE B 242 24.64 4.24 -12.42
CA PHE B 242 23.54 3.64 -13.17
C PHE B 242 23.99 2.38 -13.88
N GLY B 243 25.29 2.27 -14.16
CA GLY B 243 25.80 1.09 -14.84
C GLY B 243 25.79 -0.15 -13.96
N ARG B 244 25.76 0.04 -12.64
CA ARG B 244 25.63 -1.12 -11.75
C ARG B 244 24.19 -1.34 -11.35
N LYS B 245 23.32 -0.33 -11.55
CA LYS B 245 21.90 -0.53 -11.33
C LYS B 245 21.29 -1.47 -12.36
N LEU B 246 21.88 -1.55 -13.55
CA LEU B 246 21.46 -2.55 -14.52
C LEU B 246 22.24 -3.84 -14.37
N ARG B 247 23.43 -3.76 -13.77
CA ARG B 247 24.23 -4.95 -13.52
C ARG B 247 23.68 -5.75 -12.36
N LEU B 248 23.22 -5.06 -11.31
CA LEU B 248 22.70 -5.77 -10.14
C LEU B 248 21.26 -6.21 -10.38
N LEU B 249 20.56 -5.54 -11.29
CA LEU B 249 19.23 -6.00 -11.69
C LEU B 249 19.33 -7.25 -12.55
N SER B 250 20.45 -7.42 -13.27
CA SER B 250 20.60 -8.59 -14.13
C SER B 250 21.02 -9.82 -13.35
N GLY B 251 21.20 -9.70 -12.03
CA GLY B 251 21.45 -10.88 -11.22
C GLY B 251 20.17 -11.60 -10.84
N TYR B 252 19.03 -10.96 -11.09
CA TYR B 252 17.75 -11.60 -10.84
C TYR B 252 17.19 -12.24 -12.09
N LEU B 253 17.99 -12.33 -13.15
CA LEU B 253 17.52 -12.91 -14.40
C LEU B 253 17.74 -14.42 -14.41
N TRP B 254 18.87 -14.88 -13.91
CA TRP B 254 19.24 -16.28 -13.99
C TRP B 254 18.70 -17.04 -12.78
N PRO B 255 17.89 -18.08 -12.99
CA PRO B 255 17.46 -18.90 -11.85
C PRO B 255 18.61 -19.73 -11.29
N ARG B 256 18.78 -19.66 -9.98
CA ARG B 256 19.90 -20.30 -9.29
C ARG B 256 19.41 -21.51 -8.52
N GLY B 257 20.16 -22.61 -8.61
CA GLY B 257 19.88 -23.79 -7.83
C GLY B 257 18.97 -24.81 -8.46
N SER B 258 18.08 -24.40 -9.37
CA SER B 258 17.13 -25.31 -9.99
C SER B 258 17.48 -25.47 -11.47
N PRO B 259 18.09 -26.59 -11.89
CA PRO B 259 18.41 -26.75 -13.31
C PRO B 259 17.20 -27.02 -14.18
N ALA B 260 16.03 -27.27 -13.60
CA ALA B 260 14.83 -27.45 -14.39
C ALA B 260 14.35 -26.13 -14.98
N LEU B 261 14.73 -25.02 -14.35
CA LEU B 261 14.38 -23.70 -14.89
C LEU B 261 15.56 -23.11 -15.65
N GLN B 262 16.72 -23.73 -15.57
CA GLN B 262 17.90 -23.18 -16.23
C GLN B 262 17.95 -23.57 -17.69
N LEU B 263 17.12 -24.53 -18.11
CA LEU B 263 17.09 -24.90 -19.52
C LEU B 263 15.80 -24.41 -20.17
N VAL B 264 14.97 -23.70 -19.42
CA VAL B 264 13.88 -22.93 -20.03
C VAL B 264 14.42 -21.61 -20.54
N VAL B 265 15.39 -21.03 -19.81
CA VAL B 265 16.02 -19.79 -20.23
C VAL B 265 16.88 -20.00 -21.47
N LEU B 266 17.47 -21.20 -21.60
CA LEU B 266 18.35 -21.46 -22.73
C LEU B 266 17.57 -21.67 -24.02
N ILE B 267 16.28 -21.99 -23.93
CA ILE B 267 15.50 -22.15 -25.15
C ILE B 267 14.40 -21.09 -25.24
N CYS B 268 14.36 -20.17 -24.26
CA CYS B 268 13.72 -18.89 -24.51
C CYS B 268 14.71 -17.92 -25.14
N LEU B 269 16.00 -18.24 -25.04
CA LEU B 269 17.01 -17.53 -25.82
C LEU B 269 17.03 -18.05 -27.25
N GLY B 270 16.63 -19.31 -27.44
CA GLY B 270 16.57 -19.87 -28.78
C GLY B 270 15.40 -19.35 -29.58
N LEU B 271 14.26 -19.16 -28.93
CA LEU B 271 13.11 -18.55 -29.60
C LEU B 271 13.34 -17.06 -29.82
N MET B 272 14.16 -16.44 -28.97
CA MET B 272 14.50 -15.04 -29.17
C MET B 272 15.44 -14.87 -30.35
N GLY B 273 16.32 -15.85 -30.56
CA GLY B 273 17.21 -15.80 -31.71
C GLY B 273 16.53 -16.24 -32.99
N LEU B 274 15.42 -16.98 -32.87
CA LEU B 274 14.69 -17.41 -34.05
C LEU B 274 13.83 -16.29 -34.60
N GLU B 275 13.42 -15.36 -33.74
CA GLU B 275 12.59 -14.25 -34.21
C GLU B 275 13.45 -13.19 -34.88
N ARG B 276 14.77 -13.20 -34.60
CA ARG B 276 15.66 -12.27 -35.29
C ARG B 276 15.86 -12.66 -36.74
N ALA B 277 15.72 -13.95 -37.04
CA ALA B 277 15.87 -14.39 -38.43
C ALA B 277 14.58 -14.17 -39.21
N LEU B 278 13.45 -14.06 -38.50
CA LEU B 278 12.19 -13.82 -39.19
C LEU B 278 12.03 -12.35 -39.56
N ASN B 279 12.72 -11.46 -38.85
CA ASN B 279 12.66 -10.03 -39.22
C ASN B 279 13.40 -9.77 -40.53
N VAL B 280 14.27 -10.69 -40.94
CA VAL B 280 14.95 -10.54 -42.22
C VAL B 280 14.19 -11.28 -43.32
N LEU B 281 13.64 -12.46 -43.00
CA LEU B 281 13.08 -13.31 -44.04
C LEU B 281 11.67 -12.86 -44.45
N VAL B 282 11.04 -11.99 -43.67
CA VAL B 282 9.70 -11.52 -44.02
C VAL B 282 9.72 -10.45 -45.11
N PRO B 283 10.55 -9.39 -45.06
CA PRO B 283 10.55 -8.48 -46.22
C PRO B 283 11.23 -9.05 -47.45
N ILE B 284 12.10 -10.05 -47.29
CA ILE B 284 12.67 -10.72 -48.46
C ILE B 284 11.59 -11.46 -49.23
N PHE B 285 10.70 -12.16 -48.52
CA PHE B 285 9.62 -12.86 -49.22
C PHE B 285 8.48 -11.91 -49.58
N TYR B 286 8.60 -10.64 -49.21
CA TYR B 286 7.59 -9.67 -49.64
C TYR B 286 7.99 -9.02 -50.96
N ARG B 287 9.29 -9.05 -51.31
CA ARG B 287 9.67 -8.57 -52.63
C ARG B 287 9.67 -9.71 -53.64
N ASN B 288 9.68 -10.96 -53.19
CA ASN B 288 9.51 -12.08 -54.12
C ASN B 288 8.08 -12.15 -54.64
N ILE B 289 7.11 -11.71 -53.84
CA ILE B 289 5.72 -11.78 -54.29
C ILE B 289 5.33 -10.52 -55.04
N VAL B 290 6.26 -9.56 -55.15
CA VAL B 290 6.05 -8.41 -56.02
C VAL B 290 6.75 -8.62 -57.35
N ASN B 291 7.92 -9.29 -57.32
CA ASN B 291 8.66 -9.56 -58.54
C ASN B 291 7.93 -10.57 -59.42
N LEU B 292 7.20 -11.50 -58.81
CA LEU B 292 6.47 -12.49 -59.61
C LEU B 292 5.20 -11.87 -60.19
N LEU B 293 4.65 -10.84 -59.55
CA LEU B 293 3.54 -10.11 -60.15
C LEU B 293 4.03 -9.20 -61.26
N THR B 294 5.27 -8.72 -61.15
CA THR B 294 5.84 -7.90 -62.20
C THR B 294 6.22 -8.74 -63.42
N GLU B 295 6.85 -9.88 -63.18
CA GLU B 295 7.25 -10.80 -64.23
C GLU B 295 6.10 -11.69 -64.72
N LYS B 296 4.91 -11.56 -64.10
CA LYS B 296 3.69 -12.29 -64.47
C LYS B 296 3.89 -13.79 -64.39
N ALA B 297 4.12 -14.28 -63.17
CA ALA B 297 4.34 -15.70 -62.96
C ALA B 297 3.02 -16.48 -63.09
N PRO B 298 3.08 -17.77 -63.40
CA PRO B 298 1.86 -18.59 -63.35
C PRO B 298 1.32 -18.72 -61.93
N TRP B 299 0.00 -18.95 -61.85
CA TRP B 299 -0.67 -18.97 -60.56
C TRP B 299 -0.29 -20.19 -59.73
N ASN B 300 0.11 -21.29 -60.39
CA ASN B 300 0.50 -22.48 -59.66
C ASN B 300 1.85 -22.29 -58.96
N SER B 301 2.69 -21.40 -59.49
CA SER B 301 3.99 -21.16 -58.86
C SER B 301 3.97 -19.92 -58.00
N LEU B 302 2.97 -19.06 -58.16
CA LEU B 302 2.89 -17.83 -57.38
C LEU B 302 2.15 -18.02 -56.07
N ALA B 303 1.21 -18.96 -56.00
CA ALA B 303 0.41 -19.11 -54.78
C ALA B 303 1.20 -19.81 -53.68
N TRP B 304 2.25 -20.53 -54.05
CA TRP B 304 3.05 -21.24 -53.05
C TRP B 304 4.09 -20.34 -52.40
N THR B 305 4.22 -19.08 -52.83
CA THR B 305 5.13 -18.16 -52.14
C THR B 305 4.36 -17.01 -51.49
N VAL B 306 3.07 -16.87 -51.80
CA VAL B 306 2.25 -15.92 -51.07
C VAL B 306 1.85 -16.49 -49.71
N THR B 307 1.44 -17.75 -49.66
CA THR B 307 1.17 -18.40 -48.38
C THR B 307 2.44 -18.63 -47.58
N SER B 308 3.60 -18.65 -48.25
CA SER B 308 4.87 -18.68 -47.54
C SER B 308 5.14 -17.36 -46.84
N TYR B 309 4.62 -16.26 -47.40
CA TYR B 309 4.78 -14.96 -46.75
C TYR B 309 3.84 -14.82 -45.57
N VAL B 310 2.61 -15.33 -45.68
CA VAL B 310 1.63 -15.19 -44.61
C VAL B 310 2.03 -16.07 -43.42
N PHE B 311 2.65 -17.22 -43.71
CA PHE B 311 3.07 -18.12 -42.65
C PHE B 311 4.22 -17.54 -41.84
N LEU B 312 5.10 -16.77 -42.48
CA LEU B 312 6.19 -16.15 -41.72
C LEU B 312 5.72 -14.86 -41.05
N LYS B 313 4.63 -14.28 -41.55
CA LYS B 313 4.03 -13.14 -40.86
C LYS B 313 3.14 -13.63 -39.71
N PHE B 314 2.66 -14.85 -39.80
CA PHE B 314 1.96 -15.48 -38.69
C PHE B 314 2.90 -15.75 -37.52
N LEU B 315 4.18 -16.02 -37.82
CA LEU B 315 5.14 -16.28 -36.75
C LEU B 315 5.69 -14.99 -36.17
N GLN B 316 5.71 -13.90 -36.95
CA GLN B 316 6.30 -12.67 -36.47
C GLN B 316 5.27 -11.82 -35.72
N GLY B 317 4.11 -11.60 -36.31
CA GLY B 317 3.03 -10.87 -35.68
C GLY B 317 3.28 -9.39 -35.48
N GLY B 318 4.11 -8.79 -36.33
CA GLY B 318 4.33 -7.36 -36.25
C GLY B 318 5.53 -6.95 -35.41
N GLY B 319 6.69 -7.51 -35.68
CA GLY B 319 7.92 -7.05 -35.07
C GLY B 319 8.10 -7.50 -33.63
N THR B 320 9.25 -7.12 -33.06
CA THR B 320 9.53 -7.44 -31.68
C THR B 320 8.81 -6.47 -30.74
N GLY B 321 8.49 -6.95 -29.55
CA GLY B 321 7.67 -6.20 -28.64
C GLY B 321 6.19 -6.46 -28.77
N SER B 322 5.77 -7.06 -29.88
CA SER B 322 4.37 -7.40 -30.10
C SER B 322 4.24 -8.92 -30.04
N THR B 323 3.04 -9.41 -30.32
CA THR B 323 2.74 -10.81 -30.04
C THR B 323 2.52 -11.60 -31.33
N GLY B 324 3.58 -12.22 -31.82
CA GLY B 324 3.46 -13.21 -32.87
C GLY B 324 3.25 -14.57 -32.26
N PHE B 325 3.33 -15.60 -33.10
CA PHE B 325 3.17 -16.96 -32.59
C PHE B 325 4.41 -17.41 -31.83
N VAL B 326 5.58 -16.95 -32.26
CA VAL B 326 6.80 -17.26 -31.54
C VAL B 326 6.95 -16.31 -30.36
N SER B 327 6.44 -15.08 -30.50
CA SER B 327 6.68 -14.05 -29.50
C SER B 327 5.80 -14.23 -28.27
N ASN B 328 4.77 -15.09 -28.35
CA ASN B 328 4.04 -15.42 -27.13
C ASN B 328 4.19 -16.89 -26.77
N LEU B 329 4.89 -17.65 -27.61
CA LEU B 329 5.31 -18.99 -27.19
C LEU B 329 6.37 -18.89 -26.12
N ARG B 330 7.28 -17.92 -26.23
CA ARG B 330 8.26 -17.71 -25.18
C ARG B 330 7.61 -17.07 -23.95
N THR B 331 6.51 -16.33 -24.14
CA THR B 331 5.81 -15.72 -23.02
C THR B 331 5.07 -16.79 -22.22
N PHE B 332 4.65 -17.87 -22.87
CA PHE B 332 4.05 -19.00 -22.19
C PHE B 332 5.07 -19.73 -21.33
N LEU B 333 6.34 -19.67 -21.73
CA LEU B 333 7.38 -20.38 -20.98
C LEU B 333 8.11 -19.46 -20.01
N TRP B 334 7.91 -18.15 -20.15
CA TRP B 334 8.63 -17.22 -19.29
C TRP B 334 7.89 -16.99 -17.98
N ILE B 335 6.60 -17.32 -17.94
CA ILE B 335 5.80 -16.99 -16.76
C ILE B 335 5.87 -18.10 -15.73
N ARG B 336 6.77 -19.07 -15.93
CA ARG B 336 7.20 -19.93 -14.84
C ARG B 336 8.55 -19.46 -14.31
N VAL B 337 9.30 -18.73 -15.13
CA VAL B 337 10.62 -18.26 -14.71
C VAL B 337 10.49 -16.98 -13.89
N GLN B 338 9.51 -16.13 -14.23
CA GLN B 338 9.35 -14.91 -13.45
C GLN B 338 8.47 -15.14 -12.22
N GLN B 339 7.96 -16.37 -12.05
CA GLN B 339 7.37 -16.74 -10.77
C GLN B 339 8.44 -17.33 -9.84
N PHE B 340 9.67 -17.42 -10.32
CA PHE B 340 10.77 -17.79 -9.45
C PHE B 340 11.55 -16.56 -9.00
N THR B 341 11.48 -15.49 -9.79
CA THR B 341 12.14 -14.25 -9.40
C THR B 341 11.22 -13.41 -8.52
N SER B 342 9.92 -13.36 -8.84
CA SER B 342 9.00 -12.59 -8.02
C SER B 342 8.67 -13.32 -6.72
N ARG B 343 9.06 -14.59 -6.61
CA ARG B 343 8.95 -15.30 -5.35
C ARG B 343 10.16 -15.05 -4.47
N ARG B 344 11.35 -15.06 -5.07
CA ARG B 344 12.57 -14.93 -4.28
C ARG B 344 12.82 -13.48 -3.87
N VAL B 345 12.38 -12.52 -4.68
CA VAL B 345 12.53 -11.12 -4.32
C VAL B 345 11.53 -10.73 -3.22
N GLU B 346 10.29 -11.19 -3.34
CA GLU B 346 9.26 -10.83 -2.36
C GLU B 346 9.52 -11.50 -1.01
N LEU B 347 10.16 -12.67 -1.02
CA LEU B 347 10.55 -13.30 0.24
C LEU B 347 11.92 -12.80 0.70
N LEU B 348 12.50 -11.84 -0.01
CA LEU B 348 13.74 -11.23 0.45
C LEU B 348 13.49 -9.87 1.08
N ILE B 349 12.52 -9.13 0.55
CA ILE B 349 12.14 -7.86 1.15
C ILE B 349 10.99 -8.05 2.13
N PHE B 350 10.77 -9.28 2.57
CA PHE B 350 9.88 -9.50 3.72
C PHE B 350 10.65 -10.13 4.86
N SER B 351 11.69 -10.91 4.55
CA SER B 351 12.53 -11.47 5.60
C SER B 351 13.66 -10.52 5.97
N HIS B 352 13.68 -9.34 5.36
CA HIS B 352 14.66 -8.34 5.76
C HIS B 352 14.03 -7.28 6.65
N LEU B 353 12.72 -7.05 6.49
CA LEU B 353 12.03 -6.10 7.35
C LEU B 353 11.92 -6.60 8.77
N HIS B 354 11.82 -7.92 8.97
CA HIS B 354 11.69 -8.43 10.31
C HIS B 354 13.04 -8.60 11.00
N GLU B 355 14.12 -8.63 10.23
CA GLU B 355 15.42 -8.78 10.86
C GLU B 355 16.05 -7.42 11.15
N LEU B 356 15.38 -6.34 10.76
CA LEU B 356 15.84 -5.02 11.16
C LEU B 356 15.50 -4.76 12.62
N SER B 357 16.30 -3.90 13.26
CA SER B 357 16.22 -3.72 14.70
C SER B 357 15.00 -2.90 15.09
N LEU B 358 14.88 -2.67 16.39
CA LEU B 358 13.67 -2.05 16.94
C LEU B 358 13.71 -0.54 16.78
N ARG B 359 14.90 0.03 16.57
CA ARG B 359 15.00 1.47 16.39
C ARG B 359 14.47 1.89 15.02
N TRP B 360 14.56 1.01 14.03
CA TRP B 360 14.10 1.34 12.69
C TRP B 360 12.59 1.33 12.60
N HIS B 361 11.94 0.39 13.30
CA HIS B 361 10.50 0.23 13.19
C HIS B 361 9.74 1.32 13.96
N LEU B 362 10.43 2.03 14.85
CA LEU B 362 9.75 3.12 15.55
C LEU B 362 9.82 4.41 14.74
N GLY B 363 10.81 4.53 13.86
CA GLY B 363 10.96 5.71 13.04
C GLY B 363 10.45 5.58 11.62
N ARG B 364 9.94 4.41 11.24
CA ARG B 364 9.41 4.24 9.91
C ARG B 364 8.02 4.87 9.78
N ARG B 365 7.52 4.89 8.56
CA ARG B 365 6.12 5.22 8.31
C ARG B 365 5.48 4.05 7.57
N THR B 366 4.28 3.66 8.02
CA THR B 366 3.63 2.45 7.52
C THR B 366 3.17 2.64 6.07
N GLY B 367 2.86 3.88 5.68
CA GLY B 367 2.49 4.12 4.29
C GLY B 367 3.65 3.97 3.33
N GLU B 368 4.85 4.36 3.76
CA GLU B 368 6.01 4.26 2.88
C GLU B 368 6.53 2.84 2.82
N VAL B 369 6.59 2.15 3.96
CA VAL B 369 7.22 0.83 4.02
C VAL B 369 6.34 -0.22 3.36
N LEU B 370 5.02 -0.14 3.57
CA LEU B 370 4.12 -1.14 2.99
C LEU B 370 3.92 -0.91 1.49
N ARG B 371 4.26 0.27 0.98
CA ARG B 371 4.15 0.49 -0.46
C ARG B 371 5.37 -0.07 -1.19
N ILE B 372 6.56 0.13 -0.62
CA ILE B 372 7.79 -0.34 -1.28
C ILE B 372 7.87 -1.86 -1.23
N ALA B 373 7.33 -2.47 -0.17
CA ALA B 373 7.25 -3.92 -0.13
C ALA B 373 6.17 -4.44 -1.07
N ASP B 374 5.23 -3.58 -1.48
CA ASP B 374 4.22 -3.98 -2.44
C ASP B 374 4.70 -3.79 -3.87
N ARG B 375 5.21 -2.60 -4.19
CA ARG B 375 5.68 -2.29 -5.53
C ARG B 375 7.15 -2.62 -5.75
N GLY B 376 7.73 -3.49 -4.93
CA GLY B 376 9.14 -3.81 -5.10
C GLY B 376 9.36 -5.05 -5.94
N THR B 377 8.39 -5.97 -5.91
CA THR B 377 8.52 -7.19 -6.71
C THR B 377 7.94 -6.99 -8.10
N SER B 378 7.31 -5.85 -8.35
CA SER B 378 6.77 -5.59 -9.68
C SER B 378 7.63 -4.60 -10.44
N SER B 379 8.74 -4.16 -9.84
CA SER B 379 9.69 -3.33 -10.57
C SER B 379 10.83 -4.16 -11.11
N VAL B 380 11.25 -5.18 -10.37
CA VAL B 380 12.26 -6.11 -10.87
C VAL B 380 11.65 -6.99 -11.96
N THR B 381 10.45 -7.49 -11.73
CA THR B 381 9.75 -8.28 -12.74
C THR B 381 9.36 -7.42 -13.93
N GLY B 382 9.04 -6.15 -13.69
CA GLY B 382 8.67 -5.27 -14.78
C GLY B 382 9.83 -4.90 -15.68
N LEU B 383 10.99 -4.61 -15.09
CA LEU B 383 12.11 -4.13 -15.90
C LEU B 383 12.92 -5.27 -16.51
N LEU B 384 12.78 -6.48 -15.98
CA LEU B 384 13.42 -7.62 -16.63
C LEU B 384 12.53 -8.16 -17.75
N SER B 385 11.29 -7.68 -17.84
CA SER B 385 10.47 -7.98 -18.99
C SER B 385 10.59 -6.88 -20.04
N TYR B 386 11.45 -5.89 -19.79
CA TYR B 386 11.69 -4.82 -20.75
C TYR B 386 13.12 -4.83 -21.23
N LEU B 387 14.07 -5.07 -20.32
CA LEU B 387 15.48 -5.09 -20.70
C LEU B 387 15.82 -6.35 -21.49
N VAL B 388 15.05 -7.42 -21.29
CA VAL B 388 15.37 -8.69 -21.93
C VAL B 388 14.47 -8.93 -23.15
N PHE B 389 13.25 -8.40 -23.14
CA PHE B 389 12.32 -8.64 -24.23
C PHE B 389 12.14 -7.47 -25.18
N ASN B 390 12.54 -6.25 -24.80
CA ASN B 390 12.20 -5.08 -25.59
C ASN B 390 13.41 -4.19 -25.90
N VAL B 391 14.45 -4.18 -25.06
CA VAL B 391 15.57 -3.29 -25.32
C VAL B 391 16.68 -4.03 -26.07
N ILE B 392 17.11 -5.17 -25.54
CA ILE B 392 18.12 -6.02 -26.20
C ILE B 392 17.60 -6.61 -27.52
N PRO B 393 16.36 -7.13 -27.66
CA PRO B 393 15.94 -7.55 -29.01
C PRO B 393 15.77 -6.41 -29.99
N THR B 394 15.55 -5.19 -29.52
CA THR B 394 15.53 -4.05 -30.44
C THR B 394 16.94 -3.71 -30.90
N LEU B 395 17.91 -3.70 -29.98
CA LEU B 395 19.28 -3.40 -30.35
C LEU B 395 19.92 -4.54 -31.14
N ALA B 396 19.37 -5.75 -30.99
CA ALA B 396 19.87 -6.86 -31.81
C ALA B 396 19.26 -6.83 -33.20
N ASP B 397 18.12 -6.16 -33.35
CA ASP B 397 17.47 -6.12 -34.66
C ASP B 397 18.03 -4.98 -35.50
N ILE B 398 18.69 -4.01 -34.85
CA ILE B 398 19.26 -2.87 -35.57
C ILE B 398 20.66 -3.23 -36.07
N ILE B 399 21.43 -3.97 -35.26
CA ILE B 399 22.76 -4.42 -35.68
C ILE B 399 22.67 -5.38 -36.85
N ILE B 400 21.68 -6.28 -36.83
CA ILE B 400 21.42 -7.14 -37.99
C ILE B 400 20.96 -6.31 -39.18
N GLY B 401 20.28 -5.19 -38.91
CA GLY B 401 19.93 -4.29 -39.98
C GLY B 401 21.08 -3.39 -40.43
N ILE B 402 22.26 -3.56 -39.83
CA ILE B 402 23.45 -2.86 -40.30
C ILE B 402 24.32 -3.80 -41.12
N ILE B 403 24.48 -5.06 -40.67
CA ILE B 403 25.17 -6.05 -41.49
C ILE B 403 24.38 -6.35 -42.76
N TYR B 404 23.07 -6.60 -42.64
CA TYR B 404 22.20 -6.50 -43.80
C TYR B 404 22.08 -5.04 -44.16
N PHE B 405 21.85 -4.77 -45.47
CA PHE B 405 22.00 -3.52 -46.22
C PHE B 405 23.46 -3.15 -46.46
N SER B 406 24.42 -3.91 -45.93
CA SER B 406 25.82 -3.60 -46.19
C SER B 406 26.42 -4.57 -47.20
N MET B 407 26.38 -5.86 -46.89
CA MET B 407 26.91 -6.87 -47.79
C MET B 407 25.98 -7.18 -48.95
N PHE B 408 24.71 -6.75 -48.87
CA PHE B 408 23.70 -7.20 -49.82
C PHE B 408 23.08 -6.08 -50.65
N PHE B 409 23.23 -4.81 -50.27
CA PHE B 409 22.89 -3.74 -51.20
C PHE B 409 24.13 -2.97 -51.66
N ASN B 410 24.79 -2.31 -50.71
CA ASN B 410 25.85 -1.34 -50.98
C ASN B 410 26.46 -0.89 -49.66
N ALA B 411 27.36 0.07 -49.72
CA ALA B 411 27.93 0.62 -48.49
C ALA B 411 27.10 1.78 -47.96
N TRP B 412 26.03 2.16 -48.66
CA TRP B 412 25.34 3.39 -48.33
C TRP B 412 24.28 3.19 -47.27
N PHE B 413 23.41 2.19 -47.44
CA PHE B 413 22.25 2.07 -46.55
C PHE B 413 22.63 1.35 -45.26
N GLY B 414 23.86 0.84 -45.17
CA GLY B 414 24.39 0.45 -43.88
C GLY B 414 24.92 1.63 -43.11
N LEU B 415 25.09 2.77 -43.79
CA LEU B 415 25.55 3.99 -43.13
C LEU B 415 24.39 4.87 -42.71
N ILE B 416 23.30 4.86 -43.49
CA ILE B 416 22.15 5.71 -43.19
C ILE B 416 21.42 5.20 -41.95
N VAL B 417 21.30 3.88 -41.82
CA VAL B 417 20.62 3.32 -40.65
C VAL B 417 21.55 3.33 -39.44
N PHE B 418 22.85 3.52 -39.67
CA PHE B 418 23.78 3.65 -38.56
C PHE B 418 23.91 5.09 -38.11
N LEU B 419 23.82 6.04 -39.04
CA LEU B 419 23.93 7.45 -38.68
C LEU B 419 22.65 7.95 -38.04
N CYS B 420 21.50 7.36 -38.42
CA CYS B 420 20.24 7.75 -37.82
C CYS B 420 20.10 7.17 -36.43
N MET B 421 20.72 6.03 -36.17
CA MET B 421 20.57 5.38 -34.87
C MET B 421 21.64 5.86 -33.90
N SER B 422 22.79 6.29 -34.41
CA SER B 422 23.78 6.94 -33.55
C SER B 422 23.32 8.33 -33.14
N LEU B 423 22.58 9.01 -34.02
CA LEU B 423 21.99 10.29 -33.66
C LEU B 423 20.80 10.08 -32.73
N TYR B 424 20.20 8.88 -32.77
CA TYR B 424 19.09 8.56 -31.88
C TYR B 424 19.57 8.37 -30.45
N LEU B 425 20.74 7.76 -30.27
CA LEU B 425 21.20 7.45 -28.93
C LEU B 425 21.83 8.66 -28.24
N THR B 426 22.39 9.59 -29.01
CA THR B 426 22.94 10.79 -28.40
C THR B 426 21.85 11.76 -28.00
N LEU B 427 20.73 11.79 -28.74
CA LEU B 427 19.64 12.70 -28.40
C LEU B 427 18.60 12.04 -27.52
N THR B 428 18.92 10.86 -26.97
CA THR B 428 18.10 10.34 -25.88
C THR B 428 18.90 10.29 -24.59
N ILE B 429 20.19 10.64 -24.66
CA ILE B 429 21.00 10.81 -23.46
C ILE B 429 21.11 12.28 -23.11
N VAL B 430 21.20 13.15 -24.11
CA VAL B 430 21.37 14.58 -23.85
C VAL B 430 20.03 15.20 -23.44
N VAL B 431 18.93 14.49 -23.63
CA VAL B 431 17.65 14.96 -23.11
C VAL B 431 17.40 14.36 -21.73
N THR B 432 17.84 13.11 -21.51
CA THR B 432 17.65 12.45 -20.22
C THR B 432 18.51 13.10 -19.14
N GLU B 433 19.70 13.59 -19.50
CA GLU B 433 20.51 14.34 -18.55
C GLU B 433 19.92 15.73 -18.29
N TRP B 434 19.08 16.22 -19.21
CA TRP B 434 18.34 17.44 -18.94
C TRP B 434 17.04 17.13 -18.21
N ARG B 435 16.46 15.96 -18.45
CA ARG B 435 15.19 15.60 -17.83
C ARG B 435 15.37 15.31 -16.34
N THR B 436 16.58 14.97 -15.91
CA THR B 436 16.78 14.46 -14.55
C THR B 436 16.65 15.55 -13.49
N LYS B 437 16.50 16.81 -13.91
CA LYS B 437 16.12 17.88 -12.99
C LYS B 437 14.73 17.63 -12.40
N PHE B 438 13.82 17.06 -13.19
CA PHE B 438 12.42 17.04 -12.78
C PHE B 438 12.00 15.67 -12.27
N ARG B 439 12.84 14.64 -12.47
CA ARG B 439 12.43 13.31 -12.02
C ARG B 439 12.93 13.01 -10.62
N ARG B 440 14.04 13.62 -10.20
CA ARG B 440 14.55 13.35 -8.85
C ARG B 440 13.95 14.31 -7.84
N ALA B 441 13.35 15.41 -8.32
CA ALA B 441 12.63 16.30 -7.42
C ALA B 441 11.17 15.87 -7.29
N MET B 442 10.82 14.72 -7.87
CA MET B 442 9.45 14.23 -7.75
C MET B 442 9.36 13.11 -6.72
N ASN B 443 10.39 12.28 -6.62
CA ASN B 443 10.38 11.17 -5.66
C ASN B 443 10.46 11.69 -4.23
N THR B 444 11.18 12.79 -4.01
CA THR B 444 11.31 13.35 -2.67
C THR B 444 10.02 14.04 -2.23
N GLN B 445 9.12 14.33 -3.18
CA GLN B 445 7.91 15.05 -2.83
C GLN B 445 6.69 14.14 -2.98
N GLU B 446 6.83 13.02 -3.69
CA GLU B 446 5.72 12.08 -3.80
C GLU B 446 5.51 11.32 -2.49
N ASN B 447 6.58 11.08 -1.75
CA ASN B 447 6.44 10.42 -0.46
C ASN B 447 5.95 11.40 0.61
N ALA B 448 6.04 12.70 0.34
CA ALA B 448 5.66 13.67 1.36
C ALA B 448 4.27 14.25 1.09
N THR B 449 3.60 13.79 0.03
CA THR B 449 2.24 14.24 -0.23
C THR B 449 1.23 13.19 0.17
N ARG B 450 1.70 11.99 0.53
CA ARG B 450 0.79 10.94 0.99
C ARG B 450 1.05 10.60 2.45
N ALA B 451 2.16 11.11 3.01
CA ALA B 451 2.56 10.74 4.36
C ALA B 451 1.65 11.35 5.42
N ARG B 452 0.85 12.35 5.04
CA ARG B 452 -0.12 12.90 5.98
C ARG B 452 -1.46 12.19 5.85
N ALA B 453 -1.84 11.81 4.62
CA ALA B 453 -3.14 11.19 4.39
C ALA B 453 -3.19 9.78 4.94
N VAL B 454 -2.10 9.03 4.78
CA VAL B 454 -2.02 7.69 5.35
C VAL B 454 -1.98 7.75 6.87
N ASP B 455 -1.25 8.71 7.42
CA ASP B 455 -1.14 8.84 8.87
C ASP B 455 -2.38 9.51 9.45
N SER B 456 -3.26 10.02 8.60
CA SER B 456 -4.59 10.40 9.06
C SER B 456 -5.58 9.27 8.88
N LEU B 457 -5.08 8.07 8.56
CA LEU B 457 -5.96 6.96 8.27
C LEU B 457 -5.57 5.72 9.09
N LEU B 458 -4.34 5.70 9.61
CA LEU B 458 -3.94 4.63 10.52
C LEU B 458 -4.60 4.80 11.88
N ASN B 459 -4.78 6.05 12.32
CA ASN B 459 -5.56 6.33 13.52
C ASN B 459 -6.82 7.11 13.13
N PHE B 460 -7.83 6.33 12.75
CA PHE B 460 -9.12 6.83 12.30
C PHE B 460 -9.90 7.50 13.41
N GLU B 461 -9.68 7.09 14.65
CA GLU B 461 -10.58 7.51 15.73
C GLU B 461 -10.26 8.92 16.21
N THR B 462 -8.97 9.25 16.27
CA THR B 462 -8.56 10.56 16.72
C THR B 462 -9.19 11.58 15.80
N VAL B 463 -9.21 11.28 14.51
CA VAL B 463 -9.81 12.16 13.55
C VAL B 463 -11.28 12.27 13.90
N LYS B 464 -11.89 11.14 14.24
CA LYS B 464 -13.30 11.11 14.61
C LYS B 464 -13.67 11.85 15.90
N TYR B 465 -12.85 11.72 16.95
CA TYR B 465 -13.18 12.34 18.24
C TYR B 465 -13.29 13.85 18.16
N TYR B 466 -12.31 14.48 17.52
CA TYR B 466 -12.32 15.93 17.35
C TYR B 466 -13.17 16.30 16.14
N ASN B 467 -13.61 17.54 16.06
CA ASN B 467 -14.37 17.92 14.88
C ASN B 467 -13.29 17.85 13.81
N ALA B 468 -13.56 17.11 12.75
CA ALA B 468 -12.62 16.89 11.65
C ALA B 468 -13.34 16.29 10.46
N GLU B 469 -12.54 15.64 9.61
CA GLU B 469 -12.91 14.93 8.37
C GLU B 469 -13.12 15.96 7.26
N SER B 470 -12.88 17.22 7.63
CA SER B 470 -12.93 18.33 6.70
C SER B 470 -11.58 19.02 6.72
N TYR B 471 -10.94 19.02 7.90
CA TYR B 471 -9.58 19.55 8.00
C TYR B 471 -8.57 18.61 7.37
N GLU B 472 -8.82 17.31 7.40
CA GLU B 472 -7.84 16.36 6.89
C GLU B 472 -8.00 16.16 5.39
N VAL B 473 -9.07 16.71 4.81
CA VAL B 473 -9.26 16.58 3.36
C VAL B 473 -8.83 17.88 2.66
N GLU B 474 -8.80 18.99 3.40
CA GLU B 474 -8.29 20.22 2.82
C GLU B 474 -6.76 20.23 2.81
N ARG B 475 -6.14 19.57 3.77
CA ARG B 475 -4.67 19.47 3.75
C ARG B 475 -4.20 18.45 2.73
N TYR B 476 -5.12 17.62 2.22
CA TYR B 476 -4.72 16.65 1.20
C TYR B 476 -5.06 17.17 -0.19
N ARG B 477 -6.02 18.10 -0.28
CA ARG B 477 -6.21 18.82 -1.54
C ARG B 477 -5.06 19.78 -1.78
N GLU B 478 -4.62 20.48 -0.73
CA GLU B 478 -3.55 21.47 -0.90
C GLU B 478 -2.19 20.82 -1.04
N ALA B 479 -2.09 19.51 -0.79
CA ALA B 479 -0.82 18.82 -0.98
C ALA B 479 -0.84 17.99 -2.26
N ILE B 480 -1.96 17.99 -2.98
CA ILE B 480 -2.02 17.29 -4.26
C ILE B 480 -2.04 18.29 -5.39
N ILE B 481 -2.25 19.58 -5.08
CA ILE B 481 -2.00 20.64 -6.05
C ILE B 481 -0.49 20.80 -6.25
N LYS B 482 0.27 20.72 -5.16
CA LYS B 482 1.72 20.92 -5.24
C LYS B 482 2.42 19.71 -5.86
N TYR B 483 1.74 18.56 -5.91
CA TYR B 483 2.33 17.40 -6.57
C TYR B 483 1.93 17.34 -8.04
N GLN B 484 0.67 17.65 -8.34
CA GLN B 484 0.23 17.62 -9.74
C GLN B 484 0.70 18.85 -10.49
N GLY B 485 1.18 19.87 -9.77
CA GLY B 485 1.86 20.97 -10.44
C GLY B 485 3.31 20.65 -10.73
N LEU B 486 3.81 19.55 -10.16
CA LEU B 486 5.20 19.20 -10.36
C LEU B 486 5.34 17.98 -11.26
N GLU B 487 4.35 17.08 -11.26
CA GLU B 487 4.39 15.96 -12.20
C GLU B 487 3.96 16.40 -13.59
N TRP B 488 3.28 17.55 -13.68
CA TRP B 488 3.03 18.16 -15.00
C TRP B 488 4.33 18.50 -15.69
N LYS B 489 5.34 18.91 -14.91
CA LYS B 489 6.63 19.26 -15.49
C LYS B 489 7.45 18.00 -15.77
N SER B 490 7.03 16.86 -15.23
CA SER B 490 7.76 15.61 -15.48
C SER B 490 7.00 14.69 -16.42
N SER B 491 5.75 15.00 -16.73
CA SER B 491 5.02 14.23 -17.73
C SER B 491 5.02 14.95 -19.06
N ALA B 492 5.12 16.28 -19.04
CA ALA B 492 5.26 17.03 -20.29
C ALA B 492 6.72 17.30 -20.60
N SER B 493 7.62 16.60 -19.91
CA SER B 493 9.02 16.55 -20.34
C SER B 493 9.30 15.25 -21.08
N LEU B 494 8.37 14.30 -21.00
CA LEU B 494 8.47 13.09 -21.80
C LEU B 494 8.04 13.33 -23.23
N VAL B 495 7.06 14.21 -23.44
CA VAL B 495 6.60 14.54 -24.79
C VAL B 495 7.68 15.28 -25.56
N LEU B 496 8.47 16.10 -24.86
CA LEU B 496 9.61 16.77 -25.50
C LEU B 496 10.71 15.77 -25.82
N LEU B 497 10.81 14.68 -25.04
CA LEU B 497 11.67 13.58 -25.42
C LEU B 497 11.06 12.76 -26.54
N ASN B 498 9.74 12.69 -26.59
CA ASN B 498 9.08 11.79 -27.53
C ASN B 498 8.81 12.49 -28.86
N GLN B 499 9.13 13.79 -28.93
CA GLN B 499 9.05 14.49 -30.21
C GLN B 499 10.43 14.81 -30.74
N THR B 500 11.47 14.61 -29.93
CA THR B 500 12.83 14.73 -30.45
C THR B 500 13.38 13.36 -30.85
N GLN B 501 12.64 12.29 -30.55
CA GLN B 501 13.00 10.99 -31.09
C GLN B 501 12.24 10.69 -32.37
N ASN B 502 11.05 11.27 -32.52
CA ASN B 502 10.30 11.09 -33.76
C ASN B 502 10.87 11.98 -34.86
N LEU B 503 11.59 13.03 -34.48
CA LEU B 503 12.21 13.89 -35.49
C LEU B 503 13.46 13.24 -36.06
N VAL B 504 14.16 12.45 -35.25
CA VAL B 504 15.35 11.75 -35.74
C VAL B 504 14.96 10.60 -36.67
N ILE B 505 13.97 9.80 -36.28
CA ILE B 505 13.42 8.76 -37.16
C ILE B 505 12.82 9.33 -38.45
N GLY B 506 12.18 10.50 -38.38
CA GLY B 506 11.62 11.10 -39.57
C GLY B 506 12.65 11.66 -40.53
N LEU B 507 13.89 11.83 -40.08
CA LEU B 507 14.94 12.29 -40.99
C LEU B 507 15.68 11.12 -41.63
N GLY B 508 15.90 10.05 -40.89
CA GLY B 508 16.58 8.89 -41.44
C GLY B 508 15.70 8.15 -42.45
N LEU B 509 14.39 8.23 -42.26
CA LEU B 509 13.47 7.72 -43.27
C LEU B 509 13.46 8.62 -44.50
N LEU B 510 13.67 9.94 -44.29
CA LEU B 510 13.71 10.86 -45.42
C LEU B 510 15.01 10.73 -46.20
N ALA B 511 16.12 10.52 -45.50
CA ALA B 511 17.40 10.37 -46.18
C ALA B 511 17.52 8.98 -46.82
N GLY B 512 16.72 8.03 -46.36
CA GLY B 512 16.78 6.70 -46.94
C GLY B 512 15.84 6.52 -48.11
N SER B 513 14.67 7.16 -48.06
CA SER B 513 13.70 6.99 -49.14
C SER B 513 14.10 7.78 -50.38
N LEU B 514 14.77 8.92 -50.19
CA LEU B 514 15.21 9.71 -51.33
C LEU B 514 16.40 9.07 -52.02
N LEU B 515 17.19 8.29 -51.28
CA LEU B 515 18.38 7.69 -51.87
C LEU B 515 18.02 6.42 -52.64
N CYS B 516 17.02 5.67 -52.18
CA CYS B 516 16.53 4.53 -52.95
C CYS B 516 15.77 4.99 -54.19
N ALA B 517 15.07 6.12 -54.09
CA ALA B 517 14.34 6.62 -55.25
C ALA B 517 15.30 7.16 -56.31
N TYR B 518 16.48 7.59 -55.89
CA TYR B 518 17.47 8.09 -56.83
C TYR B 518 18.20 6.92 -57.52
N PHE B 519 18.40 5.81 -56.80
CA PHE B 519 19.10 4.67 -57.38
C PHE B 519 18.24 3.94 -58.39
N VAL B 520 16.92 3.92 -58.18
CA VAL B 520 16.02 3.35 -59.18
C VAL B 520 15.94 4.26 -60.41
N THR B 521 15.97 5.58 -60.19
CA THR B 521 15.94 6.53 -61.30
C THR B 521 17.24 6.46 -62.11
N GLU B 522 18.35 6.19 -61.43
CA GLU B 522 19.62 6.03 -62.14
C GLU B 522 19.84 4.57 -62.54
N GLN B 523 18.81 3.74 -62.33
CA GLN B 523 18.76 2.32 -62.66
C GLN B 523 19.87 1.50 -62.03
N LYS B 524 20.32 1.89 -60.83
CA LYS B 524 21.25 1.05 -60.09
C LYS B 524 20.54 -0.13 -59.45
N LEU B 525 19.28 0.07 -59.05
CA LEU B 525 18.49 -0.97 -58.40
C LEU B 525 17.20 -1.18 -59.18
N GLN B 526 16.34 -2.05 -58.64
CA GLN B 526 15.06 -2.36 -59.27
C GLN B 526 13.94 -1.78 -58.41
N VAL B 527 12.76 -1.60 -59.03
CA VAL B 527 11.58 -1.14 -58.32
C VAL B 527 11.13 -2.14 -57.26
N GLY B 528 11.43 -3.43 -57.46
CA GLY B 528 11.18 -4.40 -56.41
C GLY B 528 12.12 -4.27 -55.23
N ASP B 529 13.30 -3.69 -55.44
CA ASP B 529 14.21 -3.46 -54.33
C ASP B 529 13.78 -2.27 -53.49
N TYR B 530 12.98 -1.36 -54.05
CA TYR B 530 12.43 -0.28 -53.24
C TYR B 530 11.32 -0.78 -52.33
N VAL B 531 10.60 -1.82 -52.76
CA VAL B 531 9.55 -2.40 -51.93
C VAL B 531 10.17 -3.13 -50.74
N LEU B 532 11.35 -3.72 -50.93
CA LEU B 532 12.10 -4.31 -49.83
C LEU B 532 12.57 -3.26 -48.83
N PHE B 533 12.96 -2.09 -49.31
CA PHE B 533 13.43 -1.03 -48.41
C PHE B 533 12.27 -0.40 -47.66
N GLY B 534 11.13 -0.23 -48.34
CA GLY B 534 10.03 0.51 -47.74
C GLY B 534 9.23 -0.32 -46.76
N THR B 535 9.52 -1.62 -46.65
CA THR B 535 8.84 -2.44 -45.67
C THR B 535 9.82 -3.06 -44.67
N TYR B 536 11.08 -2.63 -44.72
CA TYR B 536 12.05 -3.09 -43.72
C TYR B 536 12.42 -1.98 -42.78
N ILE B 537 12.48 -0.73 -43.29
CA ILE B 537 12.78 0.41 -42.43
C ILE B 537 11.60 0.73 -41.52
N ILE B 538 10.39 0.37 -41.94
CA ILE B 538 9.23 0.56 -41.09
C ILE B 538 9.27 -0.37 -39.88
N GLN B 539 9.66 -1.64 -40.09
CA GLN B 539 9.64 -2.57 -38.98
C GLN B 539 10.91 -2.47 -38.13
N LEU B 540 11.93 -1.80 -38.65
CA LEU B 540 13.06 -1.45 -37.79
C LEU B 540 12.69 -0.30 -36.87
N TYR B 541 11.96 0.68 -37.40
CA TYR B 541 11.57 1.85 -36.64
C TYR B 541 10.19 1.70 -36.01
N MET B 542 9.58 0.53 -36.12
CA MET B 542 8.34 0.27 -35.40
C MET B 542 8.53 0.09 -33.89
N PRO B 543 9.45 -0.74 -33.37
CA PRO B 543 9.52 -0.85 -31.90
C PRO B 543 10.13 0.36 -31.21
N LEU B 544 10.68 1.31 -31.97
CA LEU B 544 11.21 2.50 -31.34
C LEU B 544 10.10 3.49 -31.01
N ASN B 545 8.96 3.38 -31.71
CA ASN B 545 7.84 4.26 -31.42
C ASN B 545 6.87 3.63 -30.42
N TRP B 546 6.74 2.31 -30.46
CA TRP B 546 5.88 1.63 -29.49
C TRP B 546 6.52 1.56 -28.12
N PHE B 547 7.84 1.74 -28.05
CA PHE B 547 8.50 1.87 -26.75
C PHE B 547 8.31 3.28 -26.20
N GLY B 548 7.78 4.20 -27.00
CA GLY B 548 7.56 5.56 -26.53
C GLY B 548 6.34 5.70 -25.65
N THR B 549 5.49 4.66 -25.62
CA THR B 549 4.31 4.73 -24.77
C THR B 549 4.62 4.26 -23.36
N TYR B 550 5.84 3.76 -23.13
CA TYR B 550 6.16 3.16 -21.85
C TYR B 550 6.88 4.09 -20.89
N TYR B 551 7.31 5.28 -21.32
CA TYR B 551 8.34 6.01 -20.58
C TYR B 551 7.85 6.54 -19.22
N ARG B 552 6.54 6.61 -19.02
CA ARG B 552 6.05 7.05 -17.71
C ARG B 552 5.75 5.86 -16.82
N MET B 553 5.95 4.64 -17.34
CA MET B 553 5.97 3.48 -16.45
C MET B 553 7.30 2.75 -16.53
N ILE B 554 8.23 3.25 -17.35
CA ILE B 554 9.63 2.95 -17.12
C ILE B 554 10.11 3.73 -15.89
N GLN B 555 9.65 4.98 -15.77
CA GLN B 555 10.10 5.86 -14.69
C GLN B 555 9.58 5.40 -13.34
N THR B 556 8.32 4.98 -13.29
CA THR B 556 7.73 4.49 -12.04
C THR B 556 8.37 3.16 -11.63
N ASN B 557 8.84 2.37 -12.60
CA ASN B 557 9.49 1.12 -12.26
C ASN B 557 10.96 1.33 -11.90
N PHE B 558 11.49 2.55 -12.08
CA PHE B 558 12.78 2.87 -11.48
C PHE B 558 12.61 3.42 -10.06
N ILE B 559 11.57 4.24 -9.85
CA ILE B 559 11.33 4.82 -8.53
C ILE B 559 10.94 3.74 -7.53
N ASP B 560 10.16 2.76 -7.98
CA ASP B 560 9.77 1.67 -7.10
C ASP B 560 10.87 0.62 -6.99
N MET B 561 11.95 0.78 -7.75
CA MET B 561 13.08 -0.14 -7.63
C MET B 561 14.22 0.49 -6.85
N GLU B 562 14.44 1.79 -7.02
CA GLU B 562 15.54 2.46 -6.33
C GLU B 562 15.24 2.65 -4.85
N ASN B 563 13.95 2.74 -4.49
CA ASN B 563 13.60 2.79 -3.08
C ASN B 563 13.69 1.41 -2.44
N MET B 564 13.68 0.35 -3.24
CA MET B 564 13.81 -0.99 -2.68
C MET B 564 15.25 -1.30 -2.35
N PHE B 565 16.19 -0.86 -3.18
CA PHE B 565 17.59 -1.13 -2.89
C PHE B 565 18.16 -0.14 -1.90
N ASP B 566 17.51 1.02 -1.73
CA ASP B 566 17.87 1.90 -0.61
C ASP B 566 17.44 1.29 0.72
N LEU B 567 16.41 0.45 0.69
CA LEU B 567 15.99 -0.25 1.91
C LEU B 567 16.94 -1.39 2.25
N LEU B 568 17.42 -2.11 1.24
CA LEU B 568 18.15 -3.35 1.51
C LEU B 568 19.59 -3.08 1.92
N LYS B 569 20.09 -1.86 1.71
CA LYS B 569 21.40 -1.49 2.23
C LYS B 569 21.26 -0.80 3.58
N GLU B 570 20.47 -1.43 4.45
CA GLU B 570 20.32 -1.02 5.84
C GLU B 570 20.58 -2.23 6.72
N GLU B 571 21.71 -2.22 7.40
CA GLU B 571 22.09 -3.35 8.24
C GLU B 571 21.32 -3.32 9.56
N THR B 572 21.27 -4.46 10.23
CA THR B 572 20.68 -4.53 11.55
C THR B 572 21.59 -3.83 12.56
N GLU B 573 20.99 -3.00 13.41
CA GLU B 573 21.77 -2.23 14.37
C GLU B 573 22.37 -3.13 15.45
N VAL B 574 21.59 -4.09 15.95
CA VAL B 574 22.06 -5.02 16.97
C VAL B 574 22.47 -6.33 16.29
N LYS B 575 23.77 -6.60 16.28
CA LYS B 575 24.34 -7.73 15.56
C LYS B 575 24.88 -8.75 16.55
N ASP B 576 24.52 -10.02 16.34
CA ASP B 576 25.16 -11.09 17.09
C ASP B 576 26.57 -11.32 16.56
N LEU B 577 27.43 -11.84 17.43
CA LEU B 577 28.83 -11.99 17.07
C LEU B 577 29.02 -13.21 16.17
N PRO B 578 30.03 -13.20 15.29
CA PRO B 578 30.34 -14.42 14.54
C PRO B 578 31.00 -15.46 15.43
N GLY B 579 30.50 -16.68 15.36
CA GLY B 579 30.97 -17.74 16.23
C GLY B 579 30.30 -17.74 17.58
N ALA B 580 29.04 -17.29 17.63
CA ALA B 580 28.33 -17.19 18.89
C ALA B 580 27.56 -18.46 19.18
N GLY B 581 27.70 -18.97 20.40
CA GLY B 581 26.98 -20.13 20.83
C GLY B 581 25.64 -19.75 21.43
N PRO B 582 24.78 -20.74 21.68
CA PRO B 582 23.47 -20.45 22.27
C PRO B 582 23.60 -20.17 23.76
N LEU B 583 22.60 -19.50 24.31
CA LEU B 583 22.58 -19.19 25.73
C LEU B 583 22.27 -20.45 26.53
N ARG B 584 23.16 -20.81 27.44
CA ARG B 584 22.98 -21.96 28.31
C ARG B 584 22.27 -21.50 29.57
N PHE B 585 20.97 -21.73 29.63
CA PHE B 585 20.11 -21.25 30.71
C PHE B 585 20.00 -22.34 31.75
N GLN B 586 20.44 -22.03 32.97
CA GLN B 586 20.45 -23.02 34.05
C GLN B 586 19.53 -22.62 35.20
N LYS B 587 19.69 -21.41 35.75
CA LYS B 587 18.95 -21.02 36.95
C LYS B 587 18.16 -19.72 36.76
N GLY B 588 18.69 -18.76 36.02
CA GLY B 588 17.99 -17.48 35.89
C GLY B 588 18.45 -16.42 36.86
N ARG B 589 19.76 -16.14 36.87
CA ARG B 589 20.34 -15.13 37.74
C ARG B 589 20.71 -13.91 36.91
N ILE B 590 19.97 -12.82 37.09
CA ILE B 590 20.10 -11.61 36.30
C ILE B 590 20.97 -10.62 37.07
N GLU B 591 21.97 -10.05 36.40
CA GLU B 591 22.89 -9.10 37.00
C GLU B 591 23.19 -7.98 36.02
N PHE B 592 23.06 -6.74 36.48
CA PHE B 592 23.59 -5.58 35.77
C PHE B 592 24.82 -5.10 36.51
N GLU B 593 25.86 -4.73 35.76
CA GLU B 593 27.07 -4.15 36.33
C GLU B 593 27.35 -2.82 35.65
N ASN B 594 26.80 -1.75 36.21
CA ASN B 594 27.12 -0.36 35.86
C ASN B 594 26.77 -0.06 34.40
N VAL B 595 25.51 -0.33 34.03
CA VAL B 595 25.10 -0.15 32.65
C VAL B 595 24.71 1.31 32.41
N HIS B 596 25.21 1.86 31.31
CA HIS B 596 24.84 3.19 30.85
C HIS B 596 24.20 3.06 29.49
N PHE B 597 23.22 3.92 29.20
CA PHE B 597 22.48 3.79 27.95
C PHE B 597 21.93 5.15 27.53
N SER B 598 21.89 5.36 26.21
CA SER B 598 21.38 6.60 25.63
C SER B 598 20.64 6.25 24.34
N TYR B 599 19.49 6.89 24.13
CA TYR B 599 18.75 6.67 22.88
C TYR B 599 19.41 7.40 21.72
N ALA B 600 19.60 8.71 21.84
CA ALA B 600 20.14 9.51 20.75
C ALA B 600 21.27 10.45 21.17
N ASP B 601 22.06 10.07 22.18
CA ASP B 601 23.32 10.66 22.63
C ASP B 601 23.13 12.05 23.29
N GLY B 602 21.94 12.65 23.23
CA GLY B 602 21.75 13.93 23.90
C GLY B 602 21.60 13.79 25.40
N ARG B 603 20.94 12.73 25.84
CA ARG B 603 20.70 12.48 27.26
C ARG B 603 21.12 11.05 27.58
N GLU B 604 21.65 10.87 28.78
CA GLU B 604 21.87 9.53 29.33
C GLU B 604 20.58 9.08 30.00
N THR B 605 19.94 8.06 29.42
CA THR B 605 18.66 7.60 29.95
C THR B 605 18.85 6.80 31.23
N LEU B 606 19.80 5.87 31.26
CA LEU B 606 20.13 5.10 32.43
C LEU B 606 21.55 5.41 32.86
N GLN B 607 21.73 5.75 34.13
CA GLN B 607 23.03 6.14 34.67
C GLN B 607 23.36 5.23 35.85
N ASP B 608 24.30 4.31 35.63
CA ASP B 608 24.88 3.44 36.67
C ASP B 608 23.80 2.57 37.33
N VAL B 609 23.00 1.91 36.50
CA VAL B 609 22.00 0.96 36.97
C VAL B 609 22.71 -0.35 37.30
N SER B 610 22.51 -0.85 38.51
CA SER B 610 23.14 -2.10 38.95
C SER B 610 22.26 -2.79 39.99
N PHE B 611 21.97 -4.06 39.74
CA PHE B 611 21.29 -4.90 40.71
C PHE B 611 21.63 -6.36 40.44
N THR B 612 21.14 -7.23 41.31
CA THR B 612 21.34 -8.67 41.21
C THR B 612 20.08 -9.39 41.64
N VAL B 613 19.55 -10.23 40.77
CA VAL B 613 18.32 -10.97 41.05
C VAL B 613 18.66 -12.44 41.18
N MET B 614 18.52 -12.97 42.39
CA MET B 614 18.70 -14.40 42.59
C MET B 614 17.53 -15.17 41.97
N PRO B 615 17.76 -16.42 41.55
CA PRO B 615 16.69 -17.19 40.89
C PRO B 615 15.53 -17.51 41.83
N GLY B 616 14.33 -17.41 41.28
CA GLY B 616 13.12 -17.64 42.06
C GLY B 616 12.66 -16.47 42.89
N GLN B 617 13.06 -15.25 42.54
CA GLN B 617 12.72 -14.06 43.30
C GLN B 617 12.07 -13.02 42.40
N THR B 618 11.17 -12.23 42.97
CA THR B 618 10.49 -11.19 42.21
C THR B 618 11.05 -9.82 42.54
N LEU B 619 11.48 -9.10 41.51
CA LEU B 619 12.05 -7.77 41.64
C LEU B 619 10.98 -6.76 41.28
N ALA B 620 10.95 -5.63 41.99
CA ALA B 620 9.96 -4.59 41.77
C ALA B 620 10.65 -3.30 41.37
N LEU B 621 10.16 -2.67 40.31
CA LEU B 621 10.65 -1.37 39.85
C LEU B 621 9.51 -0.37 40.00
N VAL B 622 9.78 0.74 40.69
CA VAL B 622 8.79 1.79 40.87
C VAL B 622 9.44 3.14 40.58
N GLY B 623 8.61 4.16 40.45
CA GLY B 623 9.08 5.49 40.15
C GLY B 623 8.08 6.27 39.32
N PRO B 624 8.39 7.53 39.02
CA PRO B 624 7.48 8.34 38.22
C PRO B 624 7.53 7.97 36.74
N SER B 625 6.68 8.63 35.97
CA SER B 625 6.63 8.39 34.53
C SER B 625 7.85 9.00 33.86
N GLY B 626 8.40 8.27 32.88
CA GLY B 626 9.58 8.71 32.19
C GLY B 626 10.86 8.54 32.96
N ALA B 627 10.92 7.59 33.90
CA ALA B 627 12.11 7.43 34.73
C ALA B 627 13.11 6.50 34.07
N GLY B 628 12.63 5.58 33.23
CA GLY B 628 13.52 4.60 32.63
C GLY B 628 13.17 3.19 33.07
N LYS B 629 11.89 2.98 33.39
CA LYS B 629 11.47 1.70 33.94
C LYS B 629 11.33 0.64 32.85
N SER B 630 10.64 0.97 31.76
CA SER B 630 10.48 -0.01 30.68
C SER B 630 11.75 -0.13 29.85
N THR B 631 12.66 0.85 29.96
CA THR B 631 13.91 0.81 29.21
C THR B 631 14.82 -0.29 29.73
N ILE B 632 14.75 -0.58 31.04
CA ILE B 632 15.49 -1.70 31.61
C ILE B 632 14.96 -3.03 31.07
N LEU B 633 13.65 -3.10 30.80
CA LEU B 633 13.09 -4.32 30.26
C LEU B 633 13.24 -4.39 28.74
N ARG B 634 13.84 -3.36 28.13
CA ARG B 634 14.24 -3.47 26.74
C ARG B 634 15.67 -3.98 26.61
N LEU B 635 16.53 -3.60 27.56
CA LEU B 635 17.94 -3.99 27.47
C LEU B 635 18.13 -5.44 27.89
N LEU B 636 17.28 -5.95 28.78
CA LEU B 636 17.40 -7.34 29.19
C LEU B 636 16.96 -8.28 28.07
N PHE B 637 15.99 -7.85 27.26
CA PHE B 637 15.54 -8.59 26.10
C PHE B 637 16.45 -8.38 24.91
N ARG B 638 17.36 -7.39 25.00
CA ARG B 638 18.29 -6.97 23.95
C ARG B 638 17.55 -6.58 22.66
N PHE B 639 16.79 -5.48 22.74
CA PHE B 639 16.48 -4.76 21.51
C PHE B 639 17.60 -3.79 21.16
N TYR B 640 18.31 -3.31 22.18
CA TYR B 640 19.28 -2.23 22.05
C TYR B 640 20.61 -2.64 22.67
N ASP B 641 21.69 -2.20 22.03
CA ASP B 641 23.03 -2.41 22.57
C ASP B 641 23.32 -1.34 23.62
N ILE B 642 24.07 -1.72 24.65
CA ILE B 642 24.40 -0.80 25.72
C ILE B 642 25.68 -0.05 25.37
N SER B 643 25.90 1.09 26.03
CA SER B 643 27.11 1.86 25.77
C SER B 643 28.30 1.29 26.54
N SER B 644 28.15 1.12 27.85
CA SER B 644 29.17 0.50 28.67
C SER B 644 28.51 -0.40 29.69
N GLY B 645 29.32 -1.01 30.54
CA GLY B 645 28.82 -1.95 31.51
C GLY B 645 28.60 -3.32 30.92
N CYS B 646 27.91 -4.17 31.68
CA CYS B 646 27.68 -5.55 31.29
C CYS B 646 26.36 -6.05 31.84
N ILE B 647 25.70 -6.91 31.06
CA ILE B 647 24.46 -7.57 31.45
C ILE B 647 24.72 -9.07 31.46
N ARG B 648 24.47 -9.71 32.59
CA ARG B 648 24.77 -11.12 32.75
C ARG B 648 23.51 -11.90 33.10
N ILE B 649 23.34 -13.05 32.46
CA ILE B 649 22.32 -14.02 32.83
C ILE B 649 23.02 -15.34 33.06
N ASP B 650 22.99 -15.80 34.33
CA ASP B 650 23.68 -17.00 34.80
C ASP B 650 25.18 -16.97 34.49
N GLY B 651 25.79 -15.81 34.74
CA GLY B 651 27.21 -15.63 34.50
C GLY B 651 27.61 -15.53 33.05
N GLN B 652 26.67 -15.34 32.14
CA GLN B 652 26.94 -15.27 30.71
C GLN B 652 26.45 -13.94 30.17
N ASP B 653 27.32 -13.25 29.43
CA ASP B 653 26.95 -11.97 28.82
C ASP B 653 25.94 -12.20 27.71
N ILE B 654 24.97 -11.28 27.61
CA ILE B 654 23.92 -11.45 26.61
C ILE B 654 24.38 -10.91 25.26
N SER B 655 25.46 -10.13 25.25
CA SER B 655 25.98 -9.62 23.99
C SER B 655 26.83 -10.66 23.28
N GLN B 656 27.28 -11.68 24.02
CA GLN B 656 28.15 -12.69 23.43
C GLN B 656 27.34 -13.79 22.75
N VAL B 657 26.26 -14.24 23.37
CA VAL B 657 25.48 -15.35 22.84
C VAL B 657 24.54 -14.84 21.75
N THR B 658 23.93 -15.79 21.03
CA THR B 658 23.00 -15.46 19.97
C THR B 658 21.73 -14.85 20.55
N GLN B 659 21.20 -13.85 19.85
CA GLN B 659 20.00 -13.17 20.34
C GLN B 659 18.74 -13.99 20.06
N ALA B 660 18.84 -15.03 19.23
CA ALA B 660 17.67 -15.88 18.97
C ALA B 660 17.52 -16.93 20.07
N SER B 661 18.56 -17.14 20.87
CA SER B 661 18.46 -18.07 21.99
C SER B 661 18.34 -17.32 23.31
N LEU B 662 18.72 -16.04 23.32
CA LEU B 662 18.51 -15.20 24.49
C LEU B 662 17.04 -14.97 24.77
N ARG B 663 16.26 -14.68 23.73
CA ARG B 663 14.87 -14.31 23.93
C ARG B 663 13.95 -15.52 23.83
N SER B 664 14.51 -16.73 23.95
CA SER B 664 13.68 -17.92 24.06
C SER B 664 13.43 -18.28 25.52
N HIS B 665 14.25 -17.75 26.43
CA HIS B 665 14.05 -18.01 27.85
C HIS B 665 13.38 -16.83 28.54
N ILE B 666 13.10 -15.77 27.78
CA ILE B 666 12.54 -14.55 28.35
C ILE B 666 11.16 -14.30 27.74
N GLY B 667 10.17 -14.13 28.60
CA GLY B 667 8.83 -13.85 28.15
C GLY B 667 8.27 -12.59 28.77
N VAL B 668 8.00 -11.59 27.94
CA VAL B 668 7.60 -10.26 28.39
C VAL B 668 6.23 -9.92 27.81
N VAL B 669 5.34 -9.47 28.69
CA VAL B 669 4.05 -8.90 28.30
C VAL B 669 4.26 -7.40 28.07
N PRO B 670 3.80 -6.85 26.94
CA PRO B 670 4.06 -5.43 26.67
C PRO B 670 3.19 -4.50 27.52
N GLN B 671 3.51 -3.22 27.44
CA GLN B 671 2.78 -2.23 28.23
C GLN B 671 1.39 -1.98 27.66
N ASP B 672 1.32 -1.57 26.39
CA ASP B 672 0.08 -1.53 25.64
C ASP B 672 0.10 -2.64 24.60
N THR B 673 -0.86 -3.55 24.70
CA THR B 673 -0.79 -4.83 24.03
C THR B 673 -1.48 -4.78 22.69
N VAL B 674 -0.82 -5.30 21.65
CA VAL B 674 -1.37 -5.39 20.31
C VAL B 674 -1.64 -6.85 20.00
N LEU B 675 -2.61 -7.10 19.14
CA LEU B 675 -3.03 -8.45 18.81
C LEU B 675 -3.11 -8.60 17.28
N PHE B 676 -2.96 -9.84 16.80
CA PHE B 676 -3.11 -10.10 15.38
C PHE B 676 -4.58 -10.04 14.98
N ASN B 677 -4.83 -9.83 13.70
CA ASN B 677 -6.20 -9.62 13.24
C ASN B 677 -6.85 -10.95 12.86
N ASP B 678 -6.96 -11.84 13.84
CA ASP B 678 -7.62 -13.13 13.65
C ASP B 678 -8.23 -13.63 14.95
N THR B 679 -8.48 -14.93 15.02
CA THR B 679 -9.16 -15.55 16.16
C THR B 679 -8.36 -15.39 17.45
N ILE B 680 -9.08 -15.34 18.57
CA ILE B 680 -8.39 -15.08 19.84
C ILE B 680 -7.75 -16.36 20.35
N ALA B 681 -8.15 -17.51 19.80
CA ALA B 681 -7.51 -18.77 20.16
C ALA B 681 -6.17 -18.91 19.44
N ASP B 682 -5.92 -18.04 18.46
CA ASP B 682 -4.60 -18.02 17.82
C ASP B 682 -3.72 -16.93 18.42
N ASN B 683 -4.32 -15.91 19.03
CA ASN B 683 -3.54 -14.91 19.74
C ASN B 683 -2.98 -15.48 21.04
N ILE B 684 -3.66 -16.46 21.63
CA ILE B 684 -3.18 -17.08 22.85
C ILE B 684 -2.18 -18.18 22.54
N ARG B 685 -2.39 -18.91 21.44
CA ARG B 685 -1.45 -19.98 21.11
C ARG B 685 -0.22 -19.48 20.37
N TYR B 686 -0.09 -18.16 20.15
CA TYR B 686 1.06 -17.64 19.42
C TYR B 686 2.32 -17.65 20.28
N GLY B 687 2.18 -17.86 21.59
CA GLY B 687 3.36 -18.00 22.44
C GLY B 687 4.15 -19.25 22.13
N ARG B 688 3.53 -20.42 22.30
CA ARG B 688 4.10 -21.68 21.83
C ARG B 688 3.14 -22.24 20.80
N VAL B 689 3.57 -22.25 19.54
CA VAL B 689 2.63 -22.46 18.43
C VAL B 689 2.32 -23.94 18.27
N THR B 690 3.13 -24.81 18.88
CA THR B 690 2.90 -26.25 18.73
C THR B 690 1.98 -26.79 19.83
N ALA B 691 1.38 -25.90 20.61
CA ALA B 691 0.50 -26.32 21.70
C ALA B 691 -0.87 -26.69 21.16
N GLY B 692 -1.55 -27.60 21.86
CA GLY B 692 -2.86 -28.03 21.47
C GLY B 692 -3.96 -27.18 22.09
N ASN B 693 -5.19 -27.52 21.73
CA ASN B 693 -6.34 -26.73 22.18
C ASN B 693 -6.65 -26.98 23.65
N ASP B 694 -6.17 -28.11 24.19
CA ASP B 694 -6.40 -28.40 25.59
C ASP B 694 -5.47 -27.59 26.50
N GLU B 695 -4.37 -27.10 25.95
CA GLU B 695 -3.40 -26.37 26.77
C GLU B 695 -3.62 -24.86 26.65
N VAL B 696 -4.21 -24.41 25.54
CA VAL B 696 -4.61 -23.02 25.40
C VAL B 696 -5.71 -22.68 26.40
N GLU B 697 -6.72 -23.54 26.49
CA GLU B 697 -7.84 -23.31 27.40
C GLU B 697 -7.42 -23.48 28.86
N ALA B 698 -6.38 -24.26 29.10
CA ALA B 698 -5.91 -24.47 30.47
C ALA B 698 -5.19 -23.25 31.01
N ALA B 699 -4.35 -22.60 30.19
CA ALA B 699 -3.58 -21.46 30.67
C ALA B 699 -4.32 -20.16 30.44
N ALA B 700 -5.48 -20.21 29.79
CA ALA B 700 -6.36 -19.04 29.76
C ALA B 700 -7.21 -18.97 31.03
N GLN B 701 -7.22 -20.05 31.80
CA GLN B 701 -7.84 -20.01 33.13
C GLN B 701 -6.97 -19.21 34.10
N ALA B 702 -5.65 -19.28 33.91
CA ALA B 702 -4.73 -18.58 34.81
C ALA B 702 -4.71 -17.09 34.51
N ALA B 703 -5.19 -16.69 33.35
CA ALA B 703 -5.24 -15.27 33.02
C ALA B 703 -6.56 -14.64 33.44
N GLY B 704 -7.54 -15.45 33.83
CA GLY B 704 -8.80 -14.94 34.32
C GLY B 704 -9.81 -14.57 33.26
N ILE B 705 -9.53 -14.88 31.98
CA ILE B 705 -10.44 -14.53 30.89
C ILE B 705 -11.32 -15.71 30.50
N HIS B 706 -11.07 -16.90 31.07
CA HIS B 706 -11.71 -18.14 30.64
C HIS B 706 -13.22 -18.12 30.81
N ASP B 707 -13.72 -17.45 31.86
CA ASP B 707 -15.15 -17.38 32.06
C ASP B 707 -15.76 -16.19 31.34
N ALA B 708 -14.92 -15.37 30.70
CA ALA B 708 -15.44 -14.21 29.99
C ALA B 708 -15.60 -14.49 28.50
N ILE B 709 -14.95 -15.54 27.99
CA ILE B 709 -15.05 -15.85 26.58
C ILE B 709 -16.23 -16.77 26.33
N MET B 710 -16.61 -17.56 27.33
CA MET B 710 -17.74 -18.47 27.17
C MET B 710 -19.08 -17.73 27.24
N ALA B 711 -19.05 -16.46 27.62
CA ALA B 711 -20.24 -15.63 27.51
C ALA B 711 -20.34 -15.01 26.12
N PHE B 712 -19.25 -15.03 25.37
CA PHE B 712 -19.29 -14.49 24.01
C PHE B 712 -20.00 -15.46 23.08
N PRO B 713 -20.55 -14.98 21.97
CA PRO B 713 -20.88 -15.91 20.87
C PRO B 713 -19.61 -16.37 20.17
N GLU B 714 -19.76 -17.43 19.36
CA GLU B 714 -18.74 -18.05 18.49
C GLU B 714 -17.58 -18.71 19.22
N GLY B 715 -17.52 -18.63 20.55
CA GLY B 715 -16.51 -19.39 21.28
C GLY B 715 -15.13 -18.76 21.18
N TYR B 716 -14.10 -19.63 21.15
CA TYR B 716 -12.72 -19.15 21.19
C TYR B 716 -12.25 -18.58 19.87
N ARG B 717 -12.98 -18.80 18.77
CA ARG B 717 -12.46 -18.31 17.51
C ARG B 717 -13.20 -17.08 17.02
N THR B 718 -13.68 -16.26 17.96
CA THR B 718 -14.25 -14.96 17.62
C THR B 718 -13.16 -13.98 17.22
N GLN B 719 -13.57 -12.82 16.71
CA GLN B 719 -12.62 -11.89 16.10
C GLN B 719 -12.31 -10.72 17.01
N VAL B 720 -11.07 -10.21 16.91
CA VAL B 720 -10.66 -9.06 17.70
C VAL B 720 -10.57 -7.81 16.83
N GLY B 721 -10.78 -7.95 15.53
CA GLY B 721 -10.47 -6.86 14.62
C GLY B 721 -8.98 -6.60 14.54
N GLU B 722 -8.62 -5.49 13.93
CA GLU B 722 -7.20 -5.18 13.82
C GLU B 722 -6.71 -4.57 15.13
N ARG B 723 -5.54 -5.05 15.57
CA ARG B 723 -4.88 -4.72 16.83
C ARG B 723 -5.78 -4.87 18.06
N GLY B 724 -6.70 -5.82 18.06
CA GLY B 724 -7.47 -6.14 19.25
C GLY B 724 -8.50 -5.12 19.68
N LEU B 725 -8.89 -4.20 18.79
CA LEU B 725 -9.74 -3.09 19.21
C LEU B 725 -11.19 -3.52 19.39
N LYS B 726 -11.57 -4.70 18.92
CA LYS B 726 -12.97 -5.10 19.08
C LYS B 726 -13.25 -5.68 20.46
N LEU B 727 -12.22 -6.04 21.23
CA LEU B 727 -12.53 -6.64 22.52
C LEU B 727 -12.85 -5.60 23.57
N SER B 728 -11.82 -4.91 24.08
CA SER B 728 -11.92 -4.14 25.31
C SER B 728 -10.59 -3.47 25.62
N GLY B 729 -10.52 -2.78 26.76
CA GLY B 729 -9.23 -2.43 27.31
C GLY B 729 -8.69 -3.50 28.25
N GLY B 730 -9.59 -4.22 28.92
CA GLY B 730 -9.16 -5.21 29.89
C GLY B 730 -9.15 -6.62 29.34
N GLU B 731 -10.08 -6.92 28.43
CA GLU B 731 -10.08 -8.23 27.78
C GLU B 731 -8.96 -8.32 26.76
N LYS B 732 -8.53 -7.18 26.21
CA LYS B 732 -7.35 -7.13 25.37
C LYS B 732 -6.10 -7.50 26.15
N GLN B 733 -6.06 -7.12 27.42
CA GLN B 733 -4.82 -7.25 28.18
C GLN B 733 -4.68 -8.66 28.75
N ARG B 734 -5.79 -9.30 29.12
CA ARG B 734 -5.71 -10.63 29.72
C ARG B 734 -5.37 -11.70 28.69
N VAL B 735 -5.49 -11.37 27.41
CA VAL B 735 -4.96 -12.25 26.37
C VAL B 735 -3.43 -12.21 26.39
N ALA B 736 -2.86 -11.06 26.72
CA ALA B 736 -1.40 -10.92 26.65
C ALA B 736 -0.71 -11.58 27.84
N ILE B 737 -1.39 -11.64 28.99
CA ILE B 737 -0.87 -12.46 30.09
C ILE B 737 -0.95 -13.94 29.71
N ALA B 738 -2.05 -14.32 29.08
CA ALA B 738 -2.27 -15.71 28.70
C ALA B 738 -1.25 -16.25 27.72
N ARG B 739 -0.85 -15.44 26.74
CA ARG B 739 0.12 -15.86 25.76
C ARG B 739 1.46 -16.18 26.41
N THR B 740 1.84 -15.39 27.39
CA THR B 740 3.14 -15.54 28.03
C THR B 740 3.20 -16.84 28.82
N ILE B 741 2.06 -17.28 29.35
CA ILE B 741 2.02 -18.49 30.16
C ILE B 741 2.18 -19.73 29.28
N LEU B 742 1.68 -19.69 28.04
CA LEU B 742 1.88 -20.80 27.12
C LEU B 742 3.34 -20.93 26.71
N LYS B 743 4.07 -19.83 26.67
CA LYS B 743 5.50 -19.91 26.40
C LYS B 743 6.23 -20.57 27.55
N ALA B 744 5.78 -20.32 28.78
CA ALA B 744 6.37 -20.72 30.05
C ALA B 744 7.86 -20.42 30.10
N PRO B 745 8.26 -19.15 30.09
CA PRO B 745 9.67 -18.82 29.93
C PRO B 745 10.43 -18.99 31.23
N GLY B 746 11.76 -18.99 31.13
CA GLY B 746 12.57 -19.03 32.33
C GLY B 746 12.51 -17.73 33.11
N ILE B 747 12.49 -16.60 32.40
CA ILE B 747 12.44 -15.28 33.00
C ILE B 747 11.17 -14.59 32.52
N ILE B 748 10.37 -14.08 33.45
CA ILE B 748 9.09 -13.46 33.14
C ILE B 748 9.20 -11.98 33.42
N LEU B 749 8.78 -11.15 32.47
CA LEU B 749 8.85 -9.71 32.60
C LEU B 749 7.45 -9.12 32.45
N LEU B 750 7.11 -8.13 33.27
CA LEU B 750 5.79 -7.51 33.19
C LEU B 750 5.84 -5.99 33.20
N ASP B 751 5.72 -5.38 32.01
CA ASP B 751 5.69 -3.91 31.92
C ASP B 751 4.45 -3.45 32.64
N GLN B 752 3.28 -3.57 32.02
CA GLN B 752 2.05 -3.26 32.75
C GLN B 752 1.08 -4.42 32.57
N ALA B 753 0.64 -5.00 33.68
CA ALA B 753 -0.32 -6.10 33.59
C ALA B 753 -1.67 -5.77 34.22
N THR B 754 -1.69 -4.83 35.15
CA THR B 754 -2.92 -4.49 35.85
C THR B 754 -3.46 -3.11 35.52
N SER B 755 -2.93 -2.45 34.49
CA SER B 755 -3.34 -1.08 34.22
C SER B 755 -4.82 -0.91 33.86
N ALA B 756 -5.35 -1.80 33.03
CA ALA B 756 -6.75 -1.69 32.64
C ALA B 756 -7.66 -2.60 33.43
N LEU B 757 -7.09 -3.32 34.38
CA LEU B 757 -7.88 -4.24 35.20
C LEU B 757 -8.24 -3.58 36.51
N ASP B 758 -9.38 -3.95 37.08
CA ASP B 758 -9.78 -3.41 38.37
C ASP B 758 -9.03 -4.11 39.50
N THR B 759 -9.41 -3.76 40.74
CA THR B 759 -8.67 -4.27 41.88
C THR B 759 -9.09 -5.70 42.23
N SER B 760 -10.22 -6.16 41.68
CA SER B 760 -10.69 -7.50 41.98
C SER B 760 -10.06 -8.53 41.05
N ASN B 761 -9.42 -8.06 39.97
CA ASN B 761 -8.90 -8.99 38.98
C ASN B 761 -7.39 -9.11 39.04
N GLU B 762 -6.72 -8.29 39.85
CA GLU B 762 -5.26 -8.45 39.95
C GLU B 762 -4.89 -9.65 40.81
N ARG B 763 -5.53 -9.80 41.98
CA ARG B 763 -5.14 -10.88 42.89
C ARG B 763 -5.78 -12.20 42.50
N ALA B 764 -6.72 -12.17 41.55
CA ALA B 764 -7.10 -13.41 40.88
C ALA B 764 -6.02 -13.87 39.92
N ILE B 765 -5.21 -12.92 39.44
CA ILE B 765 -4.11 -13.26 38.54
C ILE B 765 -2.79 -13.32 39.30
N GLN B 766 -2.59 -12.41 40.26
CA GLN B 766 -1.31 -12.34 40.99
C GLN B 766 -1.10 -13.57 41.87
N ALA B 767 -2.18 -14.10 42.45
CA ALA B 767 -2.09 -15.38 43.14
C ALA B 767 -1.94 -16.53 42.15
N SER B 768 -2.54 -16.39 40.97
CA SER B 768 -2.42 -17.42 39.95
C SER B 768 -1.05 -17.37 39.28
N LEU B 769 -0.45 -16.19 39.18
CA LEU B 769 0.91 -16.09 38.65
C LEU B 769 1.93 -16.54 39.70
N ALA B 770 1.54 -16.55 40.98
CA ALA B 770 2.47 -16.91 42.04
C ALA B 770 2.73 -18.41 42.06
N LYS B 771 1.86 -19.19 41.43
CA LYS B 771 2.07 -20.63 41.29
C LYS B 771 2.54 -20.91 39.86
N VAL B 772 2.88 -19.83 39.15
CA VAL B 772 3.56 -19.92 37.86
C VAL B 772 4.97 -19.38 38.06
N CYS B 773 5.10 -18.34 38.88
CA CYS B 773 6.39 -17.76 39.20
C CYS B 773 7.01 -18.36 40.46
N ALA B 774 6.78 -19.65 40.72
CA ALA B 774 7.23 -20.25 41.97
C ALA B 774 8.75 -20.40 41.99
N ASN B 775 9.33 -20.92 40.92
CA ASN B 775 10.77 -21.11 40.82
C ASN B 775 11.36 -20.40 39.62
N ARG B 776 10.67 -19.41 39.05
CA ARG B 776 11.10 -18.74 37.84
C ARG B 776 11.21 -17.25 38.07
N THR B 777 12.26 -16.66 37.50
CA THR B 777 12.63 -15.28 37.80
C THR B 777 11.61 -14.30 37.22
N THR B 778 11.19 -13.34 38.05
CA THR B 778 10.16 -12.37 37.68
C THR B 778 10.67 -10.96 37.92
N ILE B 779 10.51 -10.09 36.92
CA ILE B 779 10.78 -8.66 37.06
C ILE B 779 9.46 -7.94 36.78
N VAL B 780 8.93 -7.25 37.79
CA VAL B 780 7.64 -6.57 37.67
C VAL B 780 7.86 -5.08 37.90
N VAL B 781 7.07 -4.26 37.21
CA VAL B 781 7.05 -2.81 37.41
C VAL B 781 5.61 -2.34 37.29
N ALA B 782 5.12 -1.64 38.32
CA ALA B 782 3.73 -1.20 38.38
C ALA B 782 3.66 0.17 39.02
N HIS B 783 2.65 0.94 38.64
CA HIS B 783 2.47 2.26 39.23
C HIS B 783 1.64 2.19 40.51
N ARG B 784 0.63 1.32 40.53
CA ARG B 784 -0.06 1.04 41.78
C ARG B 784 0.86 0.28 42.71
N LEU B 785 0.81 0.59 44.01
CA LEU B 785 1.90 0.21 44.88
C LEU B 785 1.49 -0.89 45.85
N SER B 786 0.25 -1.35 45.75
CA SER B 786 -0.20 -2.44 46.63
C SER B 786 0.21 -3.79 46.06
N THR B 787 0.59 -3.85 44.78
CA THR B 787 0.92 -5.12 44.16
C THR B 787 2.33 -5.58 44.55
N VAL B 788 3.23 -4.64 44.81
CA VAL B 788 4.62 -4.98 45.07
C VAL B 788 4.97 -5.02 46.54
N VAL B 789 3.98 -5.19 47.41
CA VAL B 789 4.25 -5.26 48.84
C VAL B 789 4.98 -6.55 49.19
N ASN B 790 4.55 -7.67 48.60
CA ASN B 790 5.14 -8.96 48.93
C ASN B 790 6.28 -9.30 47.96
N ALA B 791 6.88 -8.29 47.35
CA ALA B 791 8.01 -8.52 46.45
C ALA B 791 9.27 -8.79 47.26
N ASP B 792 10.32 -9.26 46.58
CA ASP B 792 11.55 -9.62 47.28
C ASP B 792 12.49 -8.43 47.41
N GLN B 793 12.53 -7.56 46.41
CA GLN B 793 13.39 -6.39 46.40
C GLN B 793 12.76 -5.31 45.54
N ILE B 794 12.64 -4.11 46.08
CA ILE B 794 11.97 -2.99 45.42
C ILE B 794 13.02 -1.95 45.04
N LEU B 795 13.05 -1.58 43.77
CA LEU B 795 13.98 -0.60 43.25
C LEU B 795 13.23 0.68 42.89
N VAL B 796 13.77 1.82 43.26
CA VAL B 796 13.14 3.11 43.01
C VAL B 796 13.99 3.87 42.01
N ILE B 797 13.37 4.31 40.92
CA ILE B 797 14.07 4.97 39.81
C ILE B 797 13.47 6.36 39.63
N LYS B 798 14.30 7.39 39.76
CA LYS B 798 13.82 8.75 39.58
C LYS B 798 14.07 9.29 38.17
N ASP B 799 15.33 9.37 37.77
CA ASP B 799 15.71 9.90 36.45
C ASP B 799 16.75 8.98 35.81
N GLY B 800 16.48 7.68 35.90
CA GLY B 800 17.43 6.69 35.43
C GLY B 800 18.52 6.36 36.41
N CYS B 801 18.41 6.83 37.66
CA CYS B 801 19.38 6.52 38.69
C CYS B 801 18.64 5.99 39.90
N ILE B 802 19.14 4.88 40.43
CA ILE B 802 18.56 4.23 41.60
C ILE B 802 18.89 5.08 42.82
N VAL B 803 17.86 5.50 43.56
CA VAL B 803 18.08 6.32 44.73
C VAL B 803 18.10 5.48 46.00
N GLU B 804 17.30 4.40 46.04
CA GLU B 804 17.22 3.53 47.20
C GLU B 804 16.63 2.20 46.79
N ARG B 805 17.04 1.14 47.49
CA ARG B 805 16.60 -0.21 47.20
C ARG B 805 16.40 -0.98 48.50
N GLY B 806 15.75 -2.13 48.39
CA GLY B 806 15.49 -2.97 49.54
C GLY B 806 14.08 -3.50 49.49
N ARG B 807 13.66 -4.07 50.61
CA ARG B 807 12.33 -4.67 50.71
C ARG B 807 11.28 -3.59 50.99
N HIS B 808 10.07 -4.05 51.32
CA HIS B 808 8.97 -3.12 51.53
C HIS B 808 9.03 -2.47 52.91
N GLU B 809 9.35 -3.26 53.94
CA GLU B 809 9.37 -2.72 55.30
C GLU B 809 10.65 -1.96 55.58
N ALA B 810 11.69 -2.18 54.77
CA ALA B 810 12.96 -1.51 55.00
C ALA B 810 12.97 -0.10 54.42
N LEU B 811 11.97 0.22 53.59
CA LEU B 811 11.93 1.55 52.98
C LEU B 811 10.81 2.39 53.57
N LEU B 812 9.90 1.76 54.33
CA LEU B 812 8.92 2.54 55.08
C LEU B 812 9.53 3.08 56.37
N SER B 813 10.41 2.31 57.00
CA SER B 813 11.08 2.79 58.20
C SER B 813 12.24 3.73 57.85
N ARG B 814 12.71 3.68 56.60
CA ARG B 814 13.79 4.56 56.18
C ARG B 814 13.30 5.99 56.02
N GLY B 815 12.06 6.16 55.57
CA GLY B 815 11.51 7.49 55.37
C GLY B 815 12.03 8.20 54.14
N GLY B 816 12.46 7.46 53.12
CA GLY B 816 12.98 8.07 51.91
C GLY B 816 11.91 8.51 50.94
N VAL B 817 12.17 8.36 49.65
CA VAL B 817 11.22 8.81 48.64
C VAL B 817 10.14 7.75 48.42
N TYR B 818 10.42 6.50 48.82
CA TYR B 818 9.42 5.45 48.71
C TYR B 818 8.36 5.59 49.79
N ALA B 819 8.76 5.99 51.00
CA ALA B 819 7.81 6.15 52.09
C ALA B 819 6.93 7.37 51.86
N ASP B 820 7.47 8.42 51.25
CA ASP B 820 6.65 9.57 50.87
C ASP B 820 5.72 9.22 49.72
N MET B 821 6.10 8.25 48.89
CA MET B 821 5.23 7.82 47.81
C MET B 821 4.17 6.86 48.34
N TRP B 822 4.46 6.16 49.45
CA TRP B 822 3.48 5.28 50.05
C TRP B 822 2.44 6.06 50.84
N GLN B 823 2.87 7.08 51.60
CA GLN B 823 1.93 7.88 52.40
C GLN B 823 1.06 8.76 51.52
N LEU B 824 1.52 9.08 50.30
CA LEU B 824 0.75 9.92 49.41
C LEU B 824 -0.43 9.16 48.80
N GLN B 825 -0.37 7.83 48.81
CA GLN B 825 -1.44 7.04 48.19
C GLN B 825 -2.44 6.57 49.23
N GLN B 826 -2.03 6.51 50.50
CA GLN B 826 -2.94 6.04 51.54
C GLN B 826 -3.94 7.13 51.93
N GLY B 827 -3.62 8.38 51.65
CA GLY B 827 -4.51 9.48 51.97
C GLY B 827 -3.78 10.72 52.47
PG ATP C . -12.80 -1.64 30.38
O1G ATP C . -12.73 -0.19 30.01
O2G ATP C . -12.45 -2.58 29.25
O3G ATP C . -12.11 -1.98 31.68
PB ATP C . -15.55 -1.60 29.67
O1B ATP C . -16.82 -2.16 30.27
O2B ATP C . -15.50 -0.13 29.35
O3B ATP C . -14.34 -1.98 30.67
PA ATP C . -16.17 -2.23 27.06
O1A ATP C . -15.32 -1.76 25.91
O2A ATP C . -17.38 -1.43 27.48
O3A ATP C . -15.25 -2.44 28.35
O5' ATP C . -16.69 -3.72 26.77
C5' ATP C . -18.06 -4.05 26.95
C4' ATP C . -18.36 -5.38 26.28
O4' ATP C . -18.80 -5.14 24.95
C3' ATP C . -17.13 -6.26 26.22
O3' ATP C . -17.33 -7.46 26.97
C2' ATP C . -16.93 -6.59 24.76
O2' ATP C . -16.97 -8.00 24.57
C1' ATP C . -18.07 -5.94 24.01
N9 ATP C . -17.54 -5.06 22.96
C8 ATP C . -16.88 -3.90 23.16
N7 ATP C . -16.53 -3.32 21.98
C5 ATP C . -16.97 -4.12 21.00
C6 ATP C . -16.92 -4.11 19.52
N6 ATP C . -16.34 -3.10 18.84
N1 ATP C . -17.50 -5.14 18.87
C2 ATP C . -18.09 -6.15 19.52
N3 ATP C . -18.17 -6.23 20.85
C4 ATP C . -17.63 -5.27 21.64
MG MG D . -12.37 1.27 28.46
PG ATP E . 6.28 4.62 32.04
O1G ATP E . 6.28 3.13 31.81
O2G ATP E . 6.17 5.44 30.79
O3G ATP E . 5.34 5.07 33.14
PB ATP E . 9.10 4.53 31.93
O1B ATP E . 10.23 5.16 32.73
O2B ATP E . 9.11 3.04 31.73
O3B ATP E . 7.73 5.01 32.61
PA ATP E . 10.28 4.92 29.45
O1A ATP E . 9.66 4.34 28.20
O2A ATP E . 11.35 4.18 30.19
O3A ATP E . 9.10 5.25 30.50
O5' ATP E . 10.84 6.38 29.13
C5' ATP E . 12.16 6.75 29.56
C4' ATP E . 12.59 8.02 28.85
O4' ATP E . 13.30 7.66 27.66
C3' ATP E . 11.40 8.87 28.45
O3' ATP E . 11.46 10.15 29.11
C2' ATP E . 11.52 9.06 26.96
O2' ATP E . 11.61 10.45 26.64
C1' ATP E . 12.79 8.35 26.53
N9 ATP E . 12.47 7.37 25.47
C8 ATP E . 11.78 6.23 25.64
N7 ATP E . 11.67 5.54 24.48
C5 ATP E . 12.31 6.25 23.53
C6 ATP E . 12.57 6.10 22.09
N6 ATP E . 12.13 5.02 21.41
N1 ATP E . 13.28 7.07 21.47
C2 ATP E . 13.73 8.15 22.14
N3 ATP E . 13.53 8.35 23.45
C4 ATP E . 12.83 7.46 24.19
MG MG F . 6.22 1.53 30.36
#